data_5I7O
#
_entry.id   5I7O
#
_cell.length_a   64.301
_cell.length_b   75.849
_cell.length_c   79.303
_cell.angle_alpha   93.71
_cell.angle_beta   108.43
_cell.angle_gamma   107.87
#
_symmetry.space_group_name_H-M   'P 1'
#
loop_
_entity.id
_entity.type
_entity.pdbx_description
1 polymer 'O-phosphoserine sulfhydrylase'
2 non-polymer "PYRIDOXAL-5'-PHOSPHATE"
3 non-polymer '3-{[(4-chlorophenyl)carbamoyl]amino}benzoic acid'
4 water water
#
_entity_poly.entity_id   1
_entity_poly.type   'polypeptide(L)'
_entity_poly.pdbx_seq_one_letter_code
;GSHMARYDSLLQALGNTPLVGLQRLSPRWDDGRDGPHVRLWAKLEDRNPTGSIKDRPAVRMIEQAEADGLLRPGATILEP
TSGNTGISLAMAARLKGYRLICVMPENTSVERRQLLELYGAQIIFSAAEGGSNTAVATAKELAATNPSWVMLYQYGNPAN
TDSHYCGTGPELLADLPEITHFVAGLGTTGTLMGTGRFLREHVANVKIVAAEPRYGEGVYALRNMDEGFVPELYDPEILT
ARYSVGAVDAVRRTRELVHTEGIFAGISTGAVLHAALGVGAGALAAGERADIALVVADAGWKYLSTGAYAGSLDDAETAL
EGQLWA
;
_entity_poly.pdbx_strand_id   A,B,C,D
#
loop_
_chem_comp.id
_chem_comp.type
_chem_comp.name
_chem_comp.formula
PLP non-polymer PYRIDOXAL-5'-PHOSPHATE 'C8 H10 N O6 P'
S16 non-polymer '3-{[(4-chlorophenyl)carbamoyl]amino}benzoic acid' 'C14 H11 Cl N2 O3'
#
# COMPACT_ATOMS: atom_id res chain seq x y z
N ARG A 6 -6.05 2.41 -19.49
CA ARG A 6 -5.83 3.64 -20.31
C ARG A 6 -5.96 4.91 -19.46
N TYR A 7 -5.44 5.99 -20.00
CA TYR A 7 -5.21 7.20 -19.27
C TYR A 7 -5.74 8.36 -20.08
N ASP A 8 -6.39 9.28 -19.38
CA ASP A 8 -6.90 10.51 -19.95
C ASP A 8 -5.79 11.52 -20.22
N SER A 9 -4.64 11.32 -19.59
CA SER A 9 -3.49 12.22 -19.68
C SER A 9 -2.15 11.46 -19.61
N LEU A 10 -1.09 12.10 -20.10
CA LEU A 10 0.24 11.54 -19.97
C LEU A 10 0.65 11.57 -18.50
N LEU A 11 0.19 12.61 -17.79
CA LEU A 11 0.45 12.76 -16.34
C LEU A 11 -0.01 11.55 -15.56
N GLN A 12 -1.03 10.83 -16.03
CA GLN A 12 -1.41 9.58 -15.38
C GLN A 12 -0.54 8.36 -15.73
N ALA A 13 -0.04 8.25 -16.95
CA ALA A 13 0.77 7.10 -17.36
C ALA A 13 2.15 7.19 -16.74
N LEU A 14 2.19 6.87 -15.45
CA LEU A 14 3.26 7.27 -14.56
C LEU A 14 3.35 6.24 -13.46
N GLY A 15 4.57 5.86 -13.13
CA GLY A 15 4.76 4.85 -12.14
C GLY A 15 4.39 3.48 -12.64
N ASN A 16 4.09 2.58 -11.70
CA ASN A 16 4.04 1.15 -11.97
C ASN A 16 5.11 0.67 -12.89
N THR A 17 6.32 1.21 -12.70
CA THR A 17 7.46 0.79 -13.48
C THR A 17 7.80 -0.66 -13.15
N PRO A 18 8.33 -1.36 -14.12
CA PRO A 18 8.51 -2.78 -13.98
C PRO A 18 9.81 -3.08 -13.26
N LEU A 19 9.96 -4.34 -12.80
CA LEU A 19 11.13 -4.79 -12.03
C LEU A 19 11.78 -5.95 -12.79
N VAL A 20 13.07 -5.81 -13.07
CA VAL A 20 13.79 -6.76 -13.89
C VAL A 20 14.95 -7.37 -13.13
N GLY A 21 14.92 -8.70 -13.02
CA GLY A 21 16.04 -9.45 -12.45
C GLY A 21 17.29 -9.32 -13.29
N LEU A 22 18.41 -9.02 -12.65
CA LEU A 22 19.71 -8.99 -13.30
C LEU A 22 20.44 -10.33 -13.09
N GLN A 23 20.09 -11.32 -13.91
CA GLN A 23 20.61 -12.69 -13.79
C GLN A 23 22.10 -12.76 -14.00
N ARG A 24 22.59 -12.07 -15.02
CA ARG A 24 24.00 -12.17 -15.40
C ARG A 24 24.91 -11.33 -14.51
N LEU A 25 24.34 -10.34 -13.83
CA LEU A 25 25.10 -9.46 -12.93
C LEU A 25 24.87 -9.79 -11.45
N SER A 26 23.94 -10.69 -11.16
CA SER A 26 23.73 -11.12 -9.78
C SER A 26 24.95 -11.89 -9.33
N PRO A 27 25.41 -11.66 -8.09
CA PRO A 27 26.49 -12.47 -7.56
C PRO A 27 26.18 -13.97 -7.64
N ARG A 28 24.93 -14.36 -7.39
CA ARG A 28 24.48 -15.74 -7.57
C ARG A 28 22.97 -15.76 -7.71
N TRP A 29 22.49 -16.02 -8.93
CA TRP A 29 21.08 -15.98 -9.21
C TRP A 29 20.31 -17.19 -8.64
N ASP A 30 20.90 -18.39 -8.70
CA ASP A 30 20.26 -19.61 -8.23
C ASP A 30 20.74 -20.09 -6.87
N ASP A 31 19.78 -20.54 -6.05
CA ASP A 31 20.11 -21.25 -4.82
C ASP A 31 20.76 -22.56 -5.23
N GLY A 32 21.92 -22.86 -4.66
CA GLY A 32 22.64 -24.09 -4.96
C GLY A 32 23.42 -24.63 -3.77
N ARG A 33 24.09 -25.76 -4.01
CA ARG A 33 25.02 -26.40 -3.06
C ARG A 33 25.93 -25.35 -2.43
N ASP A 34 26.42 -24.44 -3.27
CA ASP A 34 27.36 -23.40 -2.89
C ASP A 34 26.87 -22.39 -1.86
N GLY A 35 25.56 -22.16 -1.81
CA GLY A 35 24.95 -21.21 -0.88
C GLY A 35 23.69 -20.62 -1.46
N PRO A 36 22.98 -19.78 -0.69
CA PRO A 36 21.71 -19.20 -1.18
C PRO A 36 21.92 -18.10 -2.24
N HIS A 37 20.84 -17.71 -2.91
CA HIS A 37 20.97 -16.74 -4.00
C HIS A 37 21.24 -15.34 -3.51
N VAL A 38 21.92 -14.55 -4.32
CA VAL A 38 22.07 -13.13 -4.07
C VAL A 38 21.68 -12.42 -5.36
N ARG A 39 20.50 -11.79 -5.36
CA ARG A 39 19.90 -11.31 -6.59
C ARG A 39 19.84 -9.80 -6.65
N LEU A 40 20.24 -9.24 -7.78
CA LEU A 40 20.00 -7.82 -8.05
C LEU A 40 18.75 -7.70 -8.91
N TRP A 41 17.80 -6.87 -8.48
CA TRP A 41 16.59 -6.58 -9.24
C TRP A 41 16.60 -5.08 -9.57
N ALA A 42 16.47 -4.75 -10.85
CA ALA A 42 16.45 -3.36 -11.26
C ALA A 42 15.02 -2.82 -11.55
N LYS A 43 14.72 -1.66 -11.00
CA LYS A 43 13.46 -0.99 -11.24
C LYS A 43 13.70 0.14 -12.23
N LEU A 44 13.02 0.06 -13.38
CA LEU A 44 13.27 0.96 -14.52
C LEU A 44 12.39 2.22 -14.47
N GLU A 45 12.86 3.22 -13.72
CA GLU A 45 12.17 4.50 -13.57
C GLU A 45 12.27 5.44 -14.76
N ASP A 46 13.00 5.02 -15.81
CA ASP A 46 13.01 5.77 -17.09
C ASP A 46 11.73 5.53 -17.89
N ARG A 47 10.95 4.52 -17.50
CA ARG A 47 9.65 4.25 -18.10
C ARG A 47 8.59 5.15 -17.48
N ASN A 48 8.81 6.44 -17.59
CA ASN A 48 7.94 7.43 -16.98
C ASN A 48 7.72 8.51 -17.99
N PRO A 49 6.70 9.34 -17.79
CA PRO A 49 6.39 10.40 -18.73
C PRO A 49 7.60 11.09 -19.39
N THR A 50 8.57 11.62 -18.64
CA THR A 50 9.74 12.29 -19.27
C THR A 50 11.02 11.51 -19.16
N GLY A 51 10.92 10.23 -18.88
CA GLY A 51 12.09 9.35 -18.86
C GLY A 51 12.97 9.36 -17.60
N SER A 52 12.52 9.99 -16.51
CA SER A 52 13.25 9.86 -15.24
C SER A 52 12.30 9.65 -14.09
N ILE A 53 12.84 9.18 -12.97
CA ILE A 53 12.06 9.04 -11.74
C ILE A 53 11.42 10.36 -11.26
N LYS A 54 11.99 11.49 -11.64
CA LYS A 54 11.50 12.82 -11.18
C LYS A 54 10.05 13.17 -11.51
N ASP A 55 9.47 12.50 -12.49
CA ASP A 55 8.04 12.66 -12.77
C ASP A 55 7.18 12.43 -11.52
N ARG A 56 7.52 11.47 -10.68
CA ARG A 56 6.75 11.23 -9.48
C ARG A 56 6.63 12.50 -8.57
N PRO A 57 7.74 12.95 -7.99
CA PRO A 57 7.68 14.18 -7.19
C PRO A 57 7.23 15.42 -7.95
N ALA A 58 7.69 15.59 -9.17
CA ALA A 58 7.30 16.77 -9.93
C ALA A 58 5.78 16.96 -9.95
N VAL A 59 5.10 15.89 -10.32
CA VAL A 59 3.66 15.89 -10.49
C VAL A 59 3.00 15.98 -9.14
N ARG A 60 3.43 15.14 -8.21
CA ARG A 60 2.85 15.20 -6.88
C ARG A 60 3.00 16.58 -6.22
N MET A 61 4.14 17.25 -6.42
CA MET A 61 4.38 18.60 -5.89
C MET A 61 3.46 19.63 -6.52
N ILE A 62 3.20 19.48 -7.81
CA ILE A 62 2.40 20.44 -8.55
C ILE A 62 0.95 20.26 -8.21
N GLU A 63 0.51 19.01 -8.19
CA GLU A 63 -0.87 18.70 -7.86
C GLU A 63 -1.13 19.14 -6.43
N GLN A 64 -0.11 19.04 -5.58
CA GLN A 64 -0.18 19.49 -4.18
C GLN A 64 -0.26 21.03 -4.00
N ALA A 65 0.50 21.79 -4.76
CA ALA A 65 0.41 23.23 -4.67
C ALA A 65 -0.96 23.70 -5.17
N GLU A 66 -1.41 23.14 -6.30
CA GLU A 66 -2.76 23.37 -6.82
C GLU A 66 -3.80 23.09 -5.77
N ALA A 67 -3.76 21.89 -5.18
CA ALA A 67 -4.79 21.48 -4.26
C ALA A 67 -4.79 22.39 -3.04
N ASP A 68 -3.61 22.87 -2.66
CA ASP A 68 -3.52 23.90 -1.62
C ASP A 68 -4.07 25.27 -2.05
N GLY A 69 -4.08 25.56 -3.34
CA GLY A 69 -4.42 26.89 -3.83
C GLY A 69 -3.23 27.85 -3.88
N LEU A 70 -2.02 27.33 -3.61
CA LEU A 70 -0.80 28.07 -3.88
C LEU A 70 -0.70 28.40 -5.38
N LEU A 71 -0.94 27.40 -6.23
CA LEU A 71 -0.90 27.58 -7.69
C LEU A 71 -2.23 27.99 -8.30
N ARG A 72 -2.12 28.78 -9.35
CA ARG A 72 -3.26 29.34 -10.05
C ARG A 72 -2.92 29.62 -11.51
N PRO A 73 -3.93 29.67 -12.41
CA PRO A 73 -3.64 29.99 -13.82
C PRO A 73 -2.52 30.98 -14.13
N GLY A 74 -1.62 30.54 -15.01
CA GLY A 74 -0.53 31.37 -15.51
C GLY A 74 0.51 31.76 -14.48
N ALA A 75 0.56 31.06 -13.35
CA ALA A 75 1.54 31.43 -12.32
C ALA A 75 2.91 31.02 -12.85
N THR A 76 3.95 31.72 -12.39
CA THR A 76 5.32 31.31 -12.73
C THR A 76 5.83 30.38 -11.68
N ILE A 77 6.41 29.28 -12.11
CA ILE A 77 7.02 28.30 -11.22
C ILE A 77 8.52 28.45 -11.34
N LEU A 78 9.23 28.35 -10.21
CA LEU A 78 10.69 28.38 -10.18
C LEU A 78 11.23 27.14 -9.48
N GLU A 79 12.27 26.54 -10.00
CA GLU A 79 12.84 25.38 -9.37
C GLU A 79 14.35 25.33 -9.64
N PRO A 80 15.17 25.11 -8.58
CA PRO A 80 16.55 24.72 -8.83
C PRO A 80 16.63 23.22 -9.15
N THR A 81 17.36 22.87 -10.20
CA THR A 81 17.41 21.50 -10.71
C THR A 81 18.64 21.28 -11.57
N SER A 82 19.14 20.05 -11.59
CA SER A 82 20.30 19.68 -12.41
C SER A 82 19.85 19.19 -13.77
N GLY A 83 18.54 19.10 -13.99
CA GLY A 83 17.99 18.63 -15.25
C GLY A 83 16.66 17.91 -15.11
N ASN A 84 16.70 16.70 -14.56
CA ASN A 84 15.55 15.78 -14.58
C ASN A 84 14.20 16.31 -14.06
N THR A 85 14.23 16.96 -12.90
CA THR A 85 13.06 17.60 -12.30
C THR A 85 12.54 18.81 -13.11
N GLY A 86 13.45 19.64 -13.61
CA GLY A 86 13.07 20.74 -14.51
C GLY A 86 12.32 20.21 -15.73
N ILE A 87 12.81 19.10 -16.29
CA ILE A 87 12.18 18.44 -17.42
C ILE A 87 10.77 17.95 -17.04
N SER A 88 10.63 17.34 -15.86
CA SER A 88 9.33 16.82 -15.41
C SER A 88 8.37 17.98 -15.10
N LEU A 89 8.88 19.01 -14.45
CA LEU A 89 8.09 20.23 -14.22
C LEU A 89 7.72 21.01 -15.51
N ALA A 90 8.59 20.99 -16.53
CA ALA A 90 8.34 21.74 -17.77
C ALA A 90 7.22 21.08 -18.57
N MET A 91 7.21 19.75 -18.54
CA MET A 91 6.18 18.98 -19.22
C MET A 91 4.81 19.16 -18.55
N ALA A 92 4.80 19.04 -17.23
CA ALA A 92 3.59 19.23 -16.44
C ALA A 92 3.06 20.66 -16.45
N ALA A 93 3.99 21.62 -16.45
CA ALA A 93 3.65 23.02 -16.50
C ALA A 93 3.06 23.39 -17.85
N ARG A 94 3.53 22.75 -18.91
CA ARG A 94 3.00 23.04 -20.23
C ARG A 94 1.56 22.55 -20.31
N LEU A 95 1.30 21.32 -19.88
CA LEU A 95 -0.07 20.82 -19.81
C LEU A 95 -0.99 21.63 -18.91
N LYS A 96 -0.49 22.25 -17.86
CA LYS A 96 -1.36 22.88 -16.89
C LYS A 96 -1.46 24.39 -17.03
N GLY A 97 -0.71 25.00 -17.94
CA GLY A 97 -0.77 26.45 -18.15
C GLY A 97 0.14 27.26 -17.24
N TYR A 98 1.26 26.66 -16.79
CA TYR A 98 2.23 27.38 -15.96
C TYR A 98 3.47 27.75 -16.75
N ARG A 99 4.18 28.79 -16.30
CA ARG A 99 5.47 29.16 -16.87
C ARG A 99 6.60 28.67 -15.95
N LEU A 100 7.49 27.83 -16.47
CA LEU A 100 8.60 27.31 -15.70
C LEU A 100 9.91 28.03 -15.99
N ILE A 101 10.60 28.38 -14.91
CA ILE A 101 11.97 28.83 -14.90
C ILE A 101 12.80 27.80 -14.16
N CYS A 102 13.84 27.28 -14.81
CA CYS A 102 14.80 26.39 -14.16
C CYS A 102 16.11 27.13 -13.87
N VAL A 103 16.57 26.99 -12.64
CA VAL A 103 17.92 27.39 -12.30
C VAL A 103 18.80 26.14 -12.27
N MET A 104 19.78 26.11 -13.17
CA MET A 104 20.63 24.96 -13.41
C MET A 104 22.13 25.30 -13.29
N PRO A 105 22.94 24.34 -12.86
CA PRO A 105 24.38 24.50 -13.06
C PRO A 105 24.75 24.54 -14.54
N GLU A 106 25.78 25.32 -14.92
CA GLU A 106 26.15 25.49 -16.34
C GLU A 106 26.85 24.29 -16.96
N ASN A 107 27.29 23.35 -16.16
CA ASN A 107 27.93 22.15 -16.68
C ASN A 107 26.93 21.00 -16.99
N THR A 108 25.66 21.32 -17.19
CA THR A 108 24.67 20.29 -17.50
C THR A 108 24.69 19.96 -18.98
N SER A 109 24.36 18.70 -19.30
CA SER A 109 24.43 18.21 -20.68
C SER A 109 23.49 18.97 -21.61
N VAL A 110 23.88 19.13 -22.87
CA VAL A 110 23.08 19.91 -23.84
C VAL A 110 21.71 19.30 -24.10
N GLU A 111 21.58 17.99 -23.88
CA GLU A 111 20.30 17.31 -24.05
C GLU A 111 19.25 17.86 -23.12
N ARG A 112 19.65 18.11 -21.88
CA ARG A 112 18.74 18.67 -20.87
C ARG A 112 18.17 19.97 -21.36
N ARG A 113 19.08 20.84 -21.78
CA ARG A 113 18.75 22.18 -22.23
C ARG A 113 17.73 22.14 -23.35
N GLN A 114 17.96 21.20 -24.26
CA GLN A 114 17.17 21.08 -25.47
C GLN A 114 15.74 20.74 -25.12
N LEU A 115 15.59 19.70 -24.31
CA LEU A 115 14.28 19.17 -23.95
C LEU A 115 13.49 20.20 -23.11
N LEU A 116 14.21 20.91 -22.27
CA LEU A 116 13.63 21.99 -21.49
C LEU A 116 13.14 23.15 -22.39
N GLU A 117 13.94 23.50 -23.39
CA GLU A 117 13.54 24.52 -24.34
C GLU A 117 12.34 24.08 -25.12
N LEU A 118 12.36 22.81 -25.53
CA LEU A 118 11.23 22.23 -26.25
C LEU A 118 9.92 22.38 -25.45
N TYR A 119 10.00 22.07 -24.17
CA TYR A 119 8.85 22.15 -23.32
C TYR A 119 8.41 23.58 -22.94
N GLY A 120 9.19 24.59 -23.32
CA GLY A 120 8.83 26.00 -23.07
C GLY A 120 9.42 26.60 -21.80
N ALA A 121 10.41 25.92 -21.23
CA ALA A 121 11.08 26.37 -20.02
C ALA A 121 12.15 27.45 -20.30
N GLN A 122 12.22 28.45 -19.41
CA GLN A 122 13.35 29.39 -19.35
C GLN A 122 14.47 28.76 -18.51
N ILE A 123 15.72 29.04 -18.87
CA ILE A 123 16.86 28.50 -18.15
C ILE A 123 17.85 29.61 -17.79
N ILE A 124 18.14 29.72 -16.49
CA ILE A 124 18.93 30.83 -15.96
C ILE A 124 20.45 30.60 -15.81
N PHE A 125 20.90 29.37 -15.53
CA PHE A 125 22.35 29.07 -15.28
C PHE A 125 22.99 29.87 -14.15
N ALA A 135 23.09 27.32 -7.09
CA ALA A 135 21.81 27.18 -7.83
C ALA A 135 20.58 27.26 -6.91
N VAL A 136 20.62 26.46 -5.84
CA VAL A 136 19.57 26.54 -4.83
C VAL A 136 19.54 27.95 -4.23
N ALA A 137 20.72 28.49 -4.01
CA ALA A 137 20.87 29.82 -3.44
C ALA A 137 20.30 30.89 -4.37
N THR A 138 20.69 30.80 -5.64
CA THR A 138 20.22 31.73 -6.64
C THR A 138 18.73 31.68 -6.73
N ALA A 139 18.18 30.46 -6.76
CA ALA A 139 16.75 30.24 -6.87
C ALA A 139 16.05 30.79 -5.66
N LYS A 140 16.59 30.50 -4.49
CA LYS A 140 16.04 31.06 -3.25
C LYS A 140 16.00 32.57 -3.27
N GLU A 141 17.05 33.19 -3.80
CA GLU A 141 17.13 34.64 -3.85
C GLU A 141 16.09 35.20 -4.83
N LEU A 142 15.89 34.51 -5.95
CA LEU A 142 14.90 34.94 -6.92
C LEU A 142 13.49 34.78 -6.40
N ALA A 143 13.23 33.67 -5.72
CA ALA A 143 11.92 33.47 -5.09
C ALA A 143 11.60 34.61 -4.15
N ALA A 144 12.62 35.02 -3.41
CA ALA A 144 12.49 36.13 -2.48
C ALA A 144 12.30 37.46 -3.24
N THR A 145 12.95 37.61 -4.38
CA THR A 145 12.77 38.83 -5.18
C THR A 145 11.34 38.96 -5.77
N ASN A 146 10.73 37.82 -6.07
CA ASN A 146 9.45 37.74 -6.75
C ASN A 146 8.50 36.83 -5.99
N PRO A 147 7.71 37.41 -5.08
CA PRO A 147 6.84 36.58 -4.25
C PRO A 147 5.67 35.95 -5.03
N SER A 148 5.34 36.50 -6.20
CA SER A 148 4.38 35.91 -7.16
C SER A 148 4.70 34.49 -7.52
N TRP A 149 5.98 34.27 -7.79
CA TRP A 149 6.44 33.00 -8.35
C TRP A 149 6.30 31.94 -7.27
N VAL A 150 6.15 30.69 -7.67
CA VAL A 150 6.02 29.59 -6.71
C VAL A 150 7.26 28.74 -6.84
N MET A 151 7.98 28.54 -5.74
CA MET A 151 9.12 27.59 -5.71
C MET A 151 8.63 26.34 -4.97
N LEU A 152 8.35 25.29 -5.72
CA LEU A 152 7.90 24.03 -5.12
C LEU A 152 8.96 23.49 -4.14
N TYR A 153 10.24 23.71 -4.47
CA TYR A 153 11.39 23.31 -3.64
C TYR A 153 11.52 21.80 -3.34
N GLN A 154 11.99 21.06 -4.34
CA GLN A 154 12.13 19.59 -4.28
C GLN A 154 13.01 19.08 -3.16
N TYR A 155 13.90 19.93 -2.64
CA TYR A 155 14.80 19.59 -1.54
C TYR A 155 14.16 19.65 -0.17
N GLY A 156 13.03 20.38 -0.06
CA GLY A 156 12.27 20.45 1.18
C GLY A 156 10.80 20.01 1.11
N ASN A 157 10.28 19.73 -0.07
CA ASN A 157 8.85 19.55 -0.25
C ASN A 157 8.38 18.13 0.14
N PRO A 158 7.46 18.02 1.12
CA PRO A 158 7.01 16.69 1.58
C PRO A 158 6.39 15.83 0.49
N ALA A 159 5.76 16.46 -0.50
CA ALA A 159 5.21 15.70 -1.62
C ALA A 159 6.29 14.91 -2.38
N ASN A 160 7.52 15.44 -2.43
CA ASN A 160 8.63 14.72 -2.97
C ASN A 160 8.77 13.38 -2.28
N THR A 161 8.93 13.40 -0.98
CA THR A 161 8.99 12.13 -0.24
C THR A 161 7.71 11.29 -0.33
N ASP A 162 6.53 11.95 -0.30
CA ASP A 162 5.27 11.24 -0.36
C ASP A 162 5.12 10.51 -1.67
N SER A 163 5.63 11.07 -2.75
CA SER A 163 5.49 10.41 -4.03
C SER A 163 6.11 9.03 -4.00
N HIS A 164 7.23 8.92 -3.30
CA HIS A 164 7.99 7.65 -3.22
C HIS A 164 7.43 6.71 -2.15
N TYR A 165 7.00 7.30 -1.02
CA TYR A 165 6.36 6.57 0.06
C TYR A 165 5.04 5.92 -0.45
N CYS A 166 4.27 6.72 -1.20
CA CYS A 166 3.00 6.31 -1.77
C CYS A 166 3.09 5.65 -3.14
N GLY A 167 4.27 5.67 -3.79
CA GLY A 167 4.42 5.11 -5.15
C GLY A 167 5.49 4.03 -5.26
N THR A 168 6.73 4.48 -5.37
CA THR A 168 7.84 3.57 -5.58
C THR A 168 7.93 2.46 -4.54
N GLY A 169 7.75 2.84 -3.28
CA GLY A 169 7.82 1.90 -2.21
C GLY A 169 6.89 0.71 -2.37
N PRO A 170 5.57 0.96 -2.34
CA PRO A 170 4.57 -0.09 -2.44
C PRO A 170 4.73 -0.97 -3.66
N GLU A 171 5.07 -0.37 -4.79
CA GLU A 171 5.23 -1.15 -6.03
C GLU A 171 6.36 -2.13 -5.83
N LEU A 172 7.47 -1.64 -5.30
CA LEU A 172 8.62 -2.49 -5.04
C LEU A 172 8.23 -3.64 -4.18
N LEU A 173 7.49 -3.34 -3.14
CA LEU A 173 7.11 -4.37 -2.19
C LEU A 173 6.15 -5.39 -2.80
N ALA A 174 5.17 -4.90 -3.57
CA ALA A 174 4.25 -5.76 -4.31
C ALA A 174 5.01 -6.69 -5.26
N ASP A 175 6.07 -6.19 -5.90
CA ASP A 175 6.85 -6.93 -6.90
C ASP A 175 7.98 -7.82 -6.32
N LEU A 176 8.47 -7.42 -5.15
CA LEU A 176 9.61 -8.05 -4.51
C LEU A 176 9.36 -8.12 -3.01
N PRO A 177 8.30 -8.85 -2.60
CA PRO A 177 8.01 -8.96 -1.18
C PRO A 177 9.18 -9.58 -0.37
N GLU A 178 10.07 -10.34 -1.01
CA GLU A 178 11.22 -10.94 -0.31
C GLU A 178 12.42 -10.03 -0.19
N ILE A 179 12.23 -8.74 -0.50
CA ILE A 179 13.31 -7.76 -0.52
C ILE A 179 14.15 -7.85 0.74
N THR A 180 15.46 -7.65 0.60
CA THR A 180 16.34 -7.52 1.74
C THR A 180 17.05 -6.17 1.75
N HIS A 181 17.43 -5.66 0.56
CA HIS A 181 18.03 -4.30 0.45
C HIS A 181 17.34 -3.47 -0.62
N PHE A 182 17.27 -2.16 -0.37
CA PHE A 182 16.90 -1.16 -1.37
C PHE A 182 18.07 -0.18 -1.59
N VAL A 183 18.50 0.00 -2.85
CA VAL A 183 19.65 0.83 -3.18
C VAL A 183 19.23 1.91 -4.17
N ALA A 184 19.50 3.16 -3.84
CA ALA A 184 19.18 4.26 -4.72
C ALA A 184 20.14 5.43 -4.54
N GLY A 185 19.98 6.46 -5.37
CA GLY A 185 20.89 7.59 -5.35
C GLY A 185 20.37 8.56 -4.34
N LEU A 186 21.26 9.33 -3.75
CA LEU A 186 20.90 10.26 -2.70
C LEU A 186 21.20 11.67 -3.17
N GLY A 187 20.16 12.39 -3.60
CA GLY A 187 20.29 13.77 -4.09
C GLY A 187 19.46 14.78 -3.32
N THR A 188 18.19 14.93 -3.69
CA THR A 188 17.20 15.64 -2.85
C THR A 188 16.84 14.78 -1.65
N THR A 189 17.04 13.46 -1.82
CA THR A 189 16.88 12.44 -0.79
C THR A 189 15.46 11.88 -0.74
N GLY A 190 14.53 12.49 -1.47
CA GLY A 190 13.14 12.06 -1.48
C GLY A 190 12.96 10.57 -1.71
N THR A 191 13.65 10.06 -2.73
CA THR A 191 13.54 8.66 -3.13
C THR A 191 13.89 7.73 -1.97
N LEU A 192 15.09 7.89 -1.42
CA LEU A 192 15.55 7.01 -0.36
C LEU A 192 14.78 7.21 0.93
N MET A 193 14.38 8.45 1.24
CA MET A 193 13.59 8.71 2.46
C MET A 193 12.22 8.07 2.36
N GLY A 194 11.52 8.33 1.25
CA GLY A 194 10.14 7.87 1.07
C GLY A 194 10.02 6.36 0.89
N THR A 195 10.79 5.82 -0.02
CA THR A 195 10.84 4.38 -0.22
C THR A 195 11.45 3.71 1.01
N GLY A 196 12.48 4.34 1.56
CA GLY A 196 13.16 3.86 2.77
C GLY A 196 12.19 3.79 3.93
N ARG A 197 11.53 4.91 4.21
CA ARG A 197 10.57 4.95 5.31
C ARG A 197 9.42 3.96 5.12
N PHE A 198 8.97 3.78 3.88
CA PHE A 198 7.91 2.80 3.61
C PHE A 198 8.40 1.38 3.85
N LEU A 199 9.53 1.05 3.26
CA LEU A 199 10.06 -0.31 3.39
C LEU A 199 10.40 -0.66 4.83
N ARG A 200 10.97 0.30 5.54
CA ARG A 200 11.38 0.10 6.92
C ARG A 200 10.16 -0.09 7.78
N GLU A 201 9.10 0.65 7.48
CA GLU A 201 7.85 0.55 8.23
C GLU A 201 7.07 -0.74 7.98
N HIS A 202 7.40 -1.48 6.90
CA HIS A 202 6.69 -2.71 6.51
C HIS A 202 7.56 -3.96 6.51
N VAL A 203 8.87 -3.79 6.27
CA VAL A 203 9.79 -4.94 6.10
C VAL A 203 10.80 -4.99 7.23
N ALA A 204 10.59 -5.92 8.16
CA ALA A 204 11.52 -6.16 9.29
C ALA A 204 12.93 -6.39 8.81
N ASN A 205 13.84 -5.52 9.23
CA ASN A 205 15.26 -5.71 9.02
C ASN A 205 15.69 -5.39 7.60
N VAL A 206 14.88 -4.63 6.89
CA VAL A 206 15.25 -4.22 5.53
C VAL A 206 16.48 -3.29 5.58
N LYS A 207 17.30 -3.33 4.54
CA LYS A 207 18.49 -2.47 4.44
C LYS A 207 18.31 -1.35 3.42
N ILE A 208 18.57 -0.12 3.82
CA ILE A 208 18.41 1.05 2.94
C ILE A 208 19.77 1.70 2.65
N VAL A 209 20.23 1.55 1.41
CA VAL A 209 21.56 1.97 1.00
C VAL A 209 21.53 3.16 0.05
N ALA A 210 22.39 4.12 0.32
CA ALA A 210 22.49 5.29 -0.52
C ALA A 210 23.71 5.15 -1.37
N ALA A 211 23.76 5.97 -2.43
CA ALA A 211 24.95 6.17 -3.24
C ALA A 211 25.09 7.65 -3.52
N GLU A 212 26.28 8.18 -3.31
CA GLU A 212 26.55 9.60 -3.44
C GLU A 212 27.74 9.79 -4.35
N PRO A 213 27.82 10.96 -4.99
CA PRO A 213 29.07 11.24 -5.69
C PRO A 213 30.16 11.61 -4.67
N ARG A 214 31.42 11.29 -4.97
CA ARG A 214 32.49 11.57 -4.03
C ARG A 214 32.96 13.03 -4.10
N VAL A 230 22.89 19.94 2.89
CA VAL A 230 21.92 18.94 3.32
C VAL A 230 20.46 19.42 3.21
N PRO A 231 19.66 18.78 2.33
CA PRO A 231 18.26 19.13 2.11
C PRO A 231 17.37 18.93 3.32
N GLU A 232 16.35 19.76 3.44
CA GLU A 232 15.39 19.67 4.55
C GLU A 232 14.60 18.36 4.55
N LEU A 233 14.53 17.66 3.44
CA LEU A 233 13.91 16.34 3.43
C LEU A 233 14.75 15.29 4.11
N TYR A 234 16.04 15.55 4.36
CA TYR A 234 16.91 14.49 4.85
C TYR A 234 16.51 13.99 6.26
N ASP A 235 16.40 12.67 6.41
CA ASP A 235 16.15 12.04 7.70
C ASP A 235 17.30 11.08 8.06
N PRO A 236 18.19 11.51 8.99
CA PRO A 236 19.35 10.70 9.37
C PRO A 236 19.02 9.29 9.86
N GLU A 237 17.81 9.09 10.34
CA GLU A 237 17.45 7.78 10.87
C GLU A 237 17.32 6.66 9.81
N ILE A 238 17.04 7.04 8.57
CA ILE A 238 16.54 6.12 7.59
C ILE A 238 17.64 5.20 6.99
N LEU A 239 18.75 5.78 6.52
CA LEU A 239 19.78 5.00 5.82
C LEU A 239 20.47 4.01 6.72
N THR A 240 20.69 2.79 6.21
CA THR A 240 21.52 1.77 6.84
C THR A 240 22.99 1.93 6.45
N ALA A 241 23.23 2.22 5.17
CA ALA A 241 24.55 2.51 4.66
C ALA A 241 24.48 3.70 3.71
N ARG A 242 25.61 4.38 3.55
CA ARG A 242 25.80 5.33 2.45
C ARG A 242 27.17 5.20 1.84
N TYR A 243 27.22 4.80 0.57
CA TYR A 243 28.47 4.62 -0.18
C TYR A 243 28.77 5.90 -0.94
N SER A 244 30.03 6.34 -0.90
CA SER A 244 30.53 7.37 -1.80
C SER A 244 31.14 6.65 -3.03
N VAL A 245 30.79 7.09 -4.23
CA VAL A 245 31.20 6.41 -5.44
C VAL A 245 31.78 7.45 -6.39
N GLY A 246 32.99 7.21 -6.86
CA GLY A 246 33.63 8.16 -7.78
C GLY A 246 33.10 8.11 -9.20
N ALA A 247 33.28 9.22 -9.93
CA ALA A 247 32.78 9.34 -11.29
C ALA A 247 33.16 8.12 -12.18
N VAL A 248 34.42 7.70 -12.09
CA VAL A 248 34.94 6.68 -12.99
C VAL A 248 34.32 5.35 -12.72
N ASP A 249 34.10 5.04 -11.45
CA ASP A 249 33.43 3.77 -11.09
C ASP A 249 32.01 3.77 -11.62
N ALA A 250 31.33 4.91 -11.52
CA ALA A 250 29.92 5.05 -11.94
C ALA A 250 29.79 4.81 -13.43
N VAL A 251 30.65 5.46 -14.21
CA VAL A 251 30.69 5.33 -15.68
C VAL A 251 30.99 3.89 -16.06
N ARG A 252 32.10 3.36 -15.57
CA ARG A 252 32.43 1.95 -15.72
C ARG A 252 31.21 1.06 -15.56
N ARG A 253 30.58 1.12 -14.39
CA ARG A 253 29.38 0.30 -14.07
C ARG A 253 28.15 0.50 -14.96
N THR A 254 28.00 1.70 -15.49
CA THR A 254 26.91 1.99 -16.40
C THR A 254 27.10 1.26 -17.72
N ARG A 255 28.36 1.19 -18.17
CA ARG A 255 28.74 0.43 -19.37
C ARG A 255 28.60 -1.08 -19.14
N GLU A 256 28.98 -1.53 -17.95
CA GLU A 256 28.89 -2.93 -17.61
C GLU A 256 27.42 -3.38 -17.70
N LEU A 257 26.54 -2.46 -17.31
CA LEU A 257 25.13 -2.73 -17.24
C LEU A 257 24.49 -2.87 -18.64
N VAL A 258 24.88 -2.03 -19.58
CA VAL A 258 24.43 -2.27 -20.95
C VAL A 258 25.06 -3.53 -21.53
N HIS A 259 26.35 -3.75 -21.29
CA HIS A 259 27.02 -4.96 -21.76
C HIS A 259 26.37 -6.22 -21.24
N THR A 260 26.04 -6.23 -19.96
CA THR A 260 25.65 -7.50 -19.35
C THR A 260 24.15 -7.76 -19.31
N GLU A 261 23.37 -6.70 -19.08
CA GLU A 261 21.91 -6.78 -18.88
C GLU A 261 21.05 -6.03 -19.91
N GLY A 262 21.70 -5.31 -20.81
CA GLY A 262 21.01 -4.65 -21.92
C GLY A 262 20.41 -3.30 -21.59
N ILE A 263 20.61 -2.83 -20.38
CA ILE A 263 19.89 -1.66 -19.89
C ILE A 263 20.73 -0.41 -20.08
N PHE A 264 20.20 0.55 -20.82
CA PHE A 264 20.90 1.76 -21.25
C PHE A 264 20.64 2.78 -20.19
N ALA A 265 21.23 2.54 -19.02
CA ALA A 265 20.97 3.36 -17.86
C ALA A 265 21.78 4.65 -17.94
N GLY A 266 21.35 5.63 -17.14
CA GLY A 266 22.11 6.87 -16.95
C GLY A 266 23.26 6.67 -15.96
N ILE A 267 24.02 7.73 -15.73
CA ILE A 267 25.22 7.62 -14.90
C ILE A 267 24.97 7.28 -13.42
N SER A 268 23.94 7.89 -12.84
CA SER A 268 23.61 7.64 -11.46
C SER A 268 23.39 6.15 -11.22
N THR A 269 22.64 5.51 -12.11
CA THR A 269 22.40 4.07 -12.04
C THR A 269 23.70 3.21 -11.91
N GLY A 270 24.79 3.68 -12.51
CA GLY A 270 26.08 2.98 -12.45
C GLY A 270 26.72 3.02 -11.07
N ALA A 271 26.66 4.18 -10.43
CA ALA A 271 27.04 4.32 -9.03
C ALA A 271 26.13 3.49 -8.12
N VAL A 272 24.84 3.53 -8.37
CA VAL A 272 23.88 2.73 -7.62
C VAL A 272 24.23 1.26 -7.74
N LEU A 273 24.52 0.84 -8.95
CA LEU A 273 24.89 -0.53 -9.23
C LEU A 273 26.20 -0.94 -8.51
N HIS A 274 27.16 -0.01 -8.43
CA HIS A 274 28.44 -0.24 -7.75
C HIS A 274 28.19 -0.64 -6.29
N ALA A 275 27.47 0.21 -5.57
CA ALA A 275 27.06 -0.03 -4.18
C ALA A 275 26.25 -1.28 -4.00
N ALA A 276 25.40 -1.59 -4.97
CA ALA A 276 24.58 -2.78 -4.92
C ALA A 276 25.49 -3.99 -4.95
N LEU A 277 26.51 -3.91 -5.79
CA LEU A 277 27.48 -5.03 -5.99
C LEU A 277 28.40 -5.18 -4.81
N GLY A 278 28.70 -4.07 -4.14
CA GLY A 278 29.35 -4.11 -2.85
C GLY A 278 28.53 -4.92 -1.89
N VAL A 279 27.30 -4.48 -1.67
CA VAL A 279 26.34 -5.21 -0.84
C VAL A 279 26.14 -6.67 -1.32
N GLY A 280 26.22 -6.90 -2.62
CA GLY A 280 26.12 -8.24 -3.14
C GLY A 280 27.29 -9.10 -2.71
N ALA A 281 28.50 -8.58 -2.94
CA ALA A 281 29.73 -9.29 -2.54
C ALA A 281 29.63 -9.72 -1.07
N GLY A 282 29.16 -8.80 -0.23
CA GLY A 282 29.02 -9.06 1.19
C GLY A 282 28.03 -10.15 1.59
N ALA A 283 26.86 -10.18 0.96
CA ALA A 283 25.89 -11.22 1.28
C ALA A 283 26.45 -12.55 0.79
N LEU A 284 27.06 -12.49 -0.39
CA LEU A 284 27.70 -13.65 -1.02
C LEU A 284 28.85 -14.14 -0.16
N ALA A 285 29.55 -13.19 0.49
CA ALA A 285 30.64 -13.53 1.39
C ALA A 285 30.12 -14.23 2.65
N ALA A 286 29.00 -13.72 3.18
CA ALA A 286 28.48 -14.18 4.46
C ALA A 286 27.59 -15.41 4.37
N GLY A 287 27.39 -15.94 3.17
CA GLY A 287 26.52 -17.10 2.99
C GLY A 287 25.03 -16.82 3.17
N GLU A 288 24.64 -15.55 3.05
CA GLU A 288 23.25 -15.14 3.30
C GLU A 288 22.51 -14.82 2.02
N ARG A 289 21.20 -15.07 2.04
CA ARG A 289 20.33 -14.71 0.92
C ARG A 289 20.19 -13.20 0.86
N ALA A 290 19.99 -12.68 -0.33
CA ALA A 290 19.72 -11.27 -0.54
C ALA A 290 18.88 -11.12 -1.78
N ASP A 291 17.95 -10.18 -1.72
CA ASP A 291 17.22 -9.71 -2.90
C ASP A 291 17.34 -8.22 -2.91
N ILE A 292 18.32 -7.75 -3.66
CA ILE A 292 18.71 -6.36 -3.64
C ILE A 292 17.92 -5.66 -4.73
N ALA A 293 17.06 -4.72 -4.34
CA ALA A 293 16.34 -3.91 -5.30
C ALA A 293 17.14 -2.63 -5.48
N LEU A 294 17.34 -2.24 -6.75
CA LEU A 294 18.11 -1.03 -7.09
C LEU A 294 17.36 -0.22 -8.12
N VAL A 295 17.60 1.10 -8.09
CA VAL A 295 16.87 2.04 -8.94
C VAL A 295 17.68 2.41 -10.15
N VAL A 296 16.98 2.47 -11.29
CA VAL A 296 17.51 3.00 -12.54
C VAL A 296 16.77 4.32 -12.79
N ALA A 297 17.34 5.41 -12.28
CA ALA A 297 16.63 6.69 -12.18
C ALA A 297 16.32 7.28 -13.55
N ASP A 298 17.21 7.03 -14.52
CA ASP A 298 16.98 7.47 -15.89
C ASP A 298 17.80 6.68 -16.89
N ALA A 299 17.51 6.88 -18.18
CA ALA A 299 18.19 6.20 -19.30
C ALA A 299 19.40 7.02 -19.77
N GLY A 300 20.16 6.45 -20.69
CA GLY A 300 21.42 7.07 -21.13
C GLY A 300 21.28 8.28 -22.03
N TRP A 301 20.08 8.44 -22.63
CA TRP A 301 19.80 9.42 -23.69
C TRP A 301 20.43 10.80 -23.43
N LYS A 302 20.17 11.37 -22.25
CA LYS A 302 20.67 12.70 -21.92
C LYS A 302 22.18 12.76 -21.68
N TYR A 303 22.84 11.60 -21.63
CA TYR A 303 24.24 11.59 -21.26
C TYR A 303 25.19 11.33 -22.41
N LEU A 304 24.67 11.12 -23.60
CA LEU A 304 25.48 10.78 -24.75
C LEU A 304 26.41 11.91 -25.18
N SER A 305 26.00 13.17 -25.04
CA SER A 305 26.86 14.30 -25.45
C SER A 305 28.13 14.33 -24.63
N THR A 306 28.10 13.75 -23.43
CA THR A 306 29.26 13.67 -22.55
C THR A 306 30.34 12.71 -23.07
N GLY A 307 29.97 11.78 -23.94
CA GLY A 307 30.93 10.80 -24.45
C GLY A 307 31.34 9.81 -23.38
N ALA A 308 30.42 9.43 -22.53
CA ALA A 308 30.68 8.39 -21.53
C ALA A 308 30.18 7.04 -22.01
N TYR A 309 29.65 6.99 -23.24
CA TYR A 309 29.18 5.76 -23.90
C TYR A 309 29.85 5.47 -25.24
N ALA B 5 4.79 -5.68 -13.27
CA ALA B 5 5.09 -6.78 -12.27
C ALA B 5 6.56 -7.16 -12.41
N ARG B 6 6.88 -8.43 -12.18
CA ARG B 6 8.25 -8.85 -12.07
C ARG B 6 8.72 -9.69 -13.26
N TYR B 7 9.85 -9.28 -13.81
CA TYR B 7 10.48 -9.97 -14.93
C TYR B 7 11.88 -10.42 -14.55
N ASP B 8 12.32 -11.54 -15.15
CA ASP B 8 13.64 -12.16 -14.88
C ASP B 8 14.73 -11.80 -15.90
N SER B 9 14.45 -10.81 -16.74
CA SER B 9 15.29 -10.43 -17.89
C SER B 9 14.64 -9.25 -18.56
N LEU B 10 15.42 -8.39 -19.19
CA LEU B 10 14.86 -7.20 -19.90
C LEU B 10 13.96 -7.58 -21.11
N LEU B 11 14.24 -8.73 -21.73
CA LEU B 11 13.48 -9.22 -22.89
C LEU B 11 12.02 -9.51 -22.58
N GLN B 12 11.72 -9.77 -21.31
CA GLN B 12 10.33 -9.97 -20.91
C GLN B 12 9.65 -8.65 -20.63
N ALA B 13 10.43 -7.61 -20.31
CA ALA B 13 9.87 -6.30 -19.99
C ALA B 13 9.58 -5.59 -21.28
N LEU B 14 8.57 -6.10 -21.97
CA LEU B 14 8.35 -5.80 -23.36
C LEU B 14 6.86 -5.78 -23.59
N GLY B 15 6.38 -4.67 -24.16
CA GLY B 15 5.01 -4.50 -24.53
C GLY B 15 4.16 -4.09 -23.35
N ASN B 16 2.90 -4.50 -23.39
CA ASN B 16 1.87 -3.99 -22.51
C ASN B 16 2.05 -2.51 -22.30
N THR B 17 2.23 -1.80 -23.39
CA THR B 17 2.50 -0.38 -23.35
C THR B 17 1.23 0.39 -23.09
N PRO B 18 1.34 1.55 -22.44
CA PRO B 18 0.17 2.35 -22.11
C PRO B 18 -0.49 3.00 -23.32
N LEU B 19 -1.81 3.15 -23.20
CA LEU B 19 -2.62 3.83 -24.17
C LEU B 19 -3.14 5.04 -23.45
N VAL B 20 -2.81 6.23 -23.96
CA VAL B 20 -3.26 7.45 -23.30
C VAL B 20 -4.15 8.29 -24.21
N GLY B 21 -5.32 8.65 -23.72
CA GLY B 21 -6.21 9.54 -24.43
C GLY B 21 -5.60 10.93 -24.57
N LEU B 22 -5.69 11.51 -25.76
CA LEU B 22 -5.13 12.83 -26.04
C LEU B 22 -6.32 13.83 -26.14
N GLN B 23 -6.59 14.50 -25.03
CA GLN B 23 -7.81 15.31 -24.92
C GLN B 23 -7.72 16.65 -25.62
N ARG B 24 -6.58 17.33 -25.43
CA ARG B 24 -6.32 18.64 -26.06
C ARG B 24 -6.27 18.49 -27.56
N LEU B 25 -5.58 17.47 -28.03
CA LEU B 25 -5.30 17.34 -29.45
C LEU B 25 -6.44 16.74 -30.29
N SER B 26 -7.19 15.80 -29.72
CA SER B 26 -8.35 15.23 -30.38
C SER B 26 -9.28 16.31 -30.87
N PRO B 27 -9.75 16.20 -32.14
CA PRO B 27 -10.69 17.12 -32.73
C PRO B 27 -11.90 17.38 -31.87
N ARG B 28 -12.35 16.36 -31.15
CA ARG B 28 -13.42 16.54 -30.16
C ARG B 28 -13.39 15.44 -29.13
N TRP B 29 -12.85 15.73 -27.94
CA TRP B 29 -12.73 14.70 -26.90
C TRP B 29 -14.11 14.32 -26.33
N ASP B 30 -14.92 15.30 -25.99
CA ASP B 30 -16.17 15.01 -25.27
C ASP B 30 -17.37 14.76 -26.19
N ASP B 31 -18.16 13.75 -25.82
CA ASP B 31 -19.16 13.13 -26.70
C ASP B 31 -20.49 13.88 -26.61
N GLY B 32 -20.50 15.18 -26.92
CA GLY B 32 -21.64 16.06 -26.61
C GLY B 32 -22.58 16.49 -27.74
N ARG B 33 -22.73 17.80 -27.92
CA ARG B 33 -23.97 18.28 -28.52
C ARG B 33 -23.76 19.03 -29.82
N ASP B 34 -22.53 19.16 -30.27
CA ASP B 34 -22.31 19.51 -31.66
C ASP B 34 -22.01 18.26 -32.45
N GLY B 35 -21.86 17.12 -31.76
CA GLY B 35 -21.60 15.86 -32.44
C GLY B 35 -21.00 14.79 -31.53
N PRO B 36 -20.93 13.54 -32.03
CA PRO B 36 -20.25 12.49 -31.31
C PRO B 36 -18.73 12.71 -31.29
N HIS B 37 -18.04 12.05 -30.37
CA HIS B 37 -16.61 12.28 -30.19
C HIS B 37 -15.73 11.79 -31.32
N VAL B 38 -14.66 12.54 -31.52
CA VAL B 38 -13.55 12.18 -32.37
C VAL B 38 -12.34 12.15 -31.43
N ARG B 39 -11.85 10.96 -31.13
CA ARG B 39 -10.91 10.79 -30.03
C ARG B 39 -9.67 10.09 -30.47
N LEU B 40 -8.51 10.72 -30.28
CA LEU B 40 -7.22 10.09 -30.52
C LEU B 40 -6.66 9.34 -29.34
N TRP B 41 -6.08 8.18 -29.60
CA TRP B 41 -5.53 7.40 -28.54
C TRP B 41 -4.09 7.00 -28.88
N ALA B 42 -3.13 7.31 -28.01
CA ALA B 42 -1.72 7.03 -28.31
C ALA B 42 -1.14 5.84 -27.56
N LYS B 43 -0.65 4.89 -28.32
CA LYS B 43 0.01 3.72 -27.81
C LYS B 43 1.52 4.05 -27.75
N LEU B 44 2.09 4.03 -26.55
CA LEU B 44 3.45 4.50 -26.32
C LEU B 44 4.51 3.37 -26.37
N GLU B 45 5.03 3.13 -27.55
CA GLU B 45 5.93 2.05 -27.76
C GLU B 45 7.35 2.42 -27.43
N ASP B 46 7.57 3.68 -27.05
CA ASP B 46 8.82 4.09 -26.38
C ASP B 46 8.98 3.49 -24.96
N ARG B 47 7.89 3.00 -24.39
CA ARG B 47 7.90 2.32 -23.12
C ARG B 47 8.23 0.84 -23.35
N ASN B 48 9.43 0.57 -23.84
CA ASN B 48 9.87 -0.76 -24.28
C ASN B 48 11.38 -0.82 -24.15
N PRO B 49 11.96 -2.03 -24.02
CA PRO B 49 13.36 -2.21 -23.67
C PRO B 49 14.37 -1.19 -24.19
N THR B 50 14.38 -0.91 -25.50
CA THR B 50 15.33 0.07 -26.06
C THR B 50 14.66 1.35 -26.53
N GLY B 51 13.48 1.62 -26.01
CA GLY B 51 12.78 2.84 -26.32
C GLY B 51 12.23 2.86 -27.73
N SER B 52 11.86 1.68 -28.27
CA SER B 52 11.32 1.56 -29.64
C SER B 52 10.36 0.38 -29.76
N ILE B 53 9.40 0.51 -30.67
CA ILE B 53 8.47 -0.58 -31.02
C ILE B 53 9.18 -1.84 -31.57
N LYS B 54 10.40 -1.66 -32.08
CA LYS B 54 11.14 -2.76 -32.70
C LYS B 54 11.55 -3.83 -31.75
N ASP B 55 11.58 -3.51 -30.47
CA ASP B 55 11.83 -4.53 -29.47
C ASP B 55 10.92 -5.74 -29.68
N ARG B 56 9.67 -5.48 -30.09
CA ARG B 56 8.67 -6.52 -30.26
C ARG B 56 9.05 -7.52 -31.36
N PRO B 57 9.20 -7.03 -32.60
CA PRO B 57 9.63 -7.92 -33.68
C PRO B 57 11.08 -8.45 -33.56
N ALA B 58 12.00 -7.62 -33.05
CA ALA B 58 13.38 -8.01 -32.95
C ALA B 58 13.58 -9.21 -32.02
N VAL B 59 12.90 -9.19 -30.89
CA VAL B 59 12.94 -10.32 -29.96
C VAL B 59 12.25 -11.54 -30.52
N ARG B 60 11.04 -11.37 -31.06
CA ARG B 60 10.30 -12.53 -31.57
C ARG B 60 11.06 -13.22 -32.70
N MET B 61 11.71 -12.42 -33.53
CA MET B 61 12.50 -12.90 -34.68
C MET B 61 13.66 -13.77 -34.24
N ILE B 62 14.41 -13.27 -33.27
CA ILE B 62 15.52 -13.99 -32.70
C ILE B 62 15.02 -15.27 -32.09
N GLU B 63 13.97 -15.16 -31.28
CA GLU B 63 13.41 -16.30 -30.58
C GLU B 63 12.83 -17.32 -31.52
N GLN B 64 12.29 -16.86 -32.64
CA GLN B 64 11.77 -17.77 -33.64
C GLN B 64 12.93 -18.44 -34.34
N ALA B 65 13.97 -17.66 -34.64
CA ALA B 65 15.18 -18.15 -35.29
C ALA B 65 15.82 -19.22 -34.43
N GLU B 66 15.82 -19.01 -33.10
CA GLU B 66 16.37 -19.99 -32.16
C GLU B 66 15.57 -21.29 -32.16
N ALA B 67 14.25 -21.19 -32.08
CA ALA B 67 13.40 -22.39 -32.07
C ALA B 67 13.63 -23.22 -33.33
N ASP B 68 13.77 -22.53 -34.46
CA ASP B 68 13.92 -23.18 -35.76
C ASP B 68 15.31 -23.74 -36.02
N GLY B 69 16.23 -23.59 -35.08
CA GLY B 69 17.58 -24.12 -35.24
C GLY B 69 18.52 -23.24 -36.05
N LEU B 70 18.05 -22.06 -36.49
CA LEU B 70 18.87 -21.18 -37.34
C LEU B 70 19.93 -20.40 -36.57
N LEU B 71 19.73 -20.17 -35.28
CA LEU B 71 20.71 -19.47 -34.46
C LEU B 71 21.31 -20.35 -33.35
N ARG B 72 22.59 -20.16 -33.07
CA ARG B 72 23.29 -20.86 -31.98
C ARG B 72 24.33 -19.92 -31.37
N PRO B 73 24.70 -20.15 -30.09
CA PRO B 73 25.55 -19.16 -29.41
C PRO B 73 26.89 -18.96 -30.13
N GLY B 74 27.30 -17.70 -30.28
CA GLY B 74 28.48 -17.36 -31.07
C GLY B 74 28.13 -16.90 -32.48
N ALA B 75 26.93 -17.25 -32.95
CA ALA B 75 26.48 -16.82 -34.27
C ALA B 75 26.44 -15.29 -34.40
N THR B 76 26.85 -14.84 -35.58
CA THR B 76 26.78 -13.44 -35.91
C THR B 76 25.48 -13.24 -36.63
N ILE B 77 24.79 -12.16 -36.25
CA ILE B 77 23.55 -11.78 -36.89
C ILE B 77 23.86 -10.62 -37.82
N LEU B 78 23.21 -10.61 -38.97
CA LEU B 78 23.33 -9.50 -39.91
C LEU B 78 21.94 -8.90 -40.08
N GLU B 79 21.86 -7.57 -40.14
CA GLU B 79 20.58 -6.93 -40.44
C GLU B 79 20.73 -5.52 -41.00
N PRO B 80 19.95 -5.21 -42.06
CA PRO B 80 19.81 -3.84 -42.56
C PRO B 80 18.76 -3.14 -41.74
N THR B 81 18.94 -1.85 -41.50
CA THR B 81 18.05 -1.14 -40.59
C THR B 81 18.31 0.36 -40.60
N SER B 82 17.32 1.15 -40.22
CA SER B 82 17.54 2.60 -40.12
C SER B 82 17.82 3.04 -38.68
N GLY B 83 18.05 2.08 -37.79
CA GLY B 83 18.36 2.36 -36.39
C GLY B 83 17.58 1.54 -35.37
N ASN B 84 16.25 1.71 -35.34
CA ASN B 84 15.48 1.14 -34.23
C ASN B 84 15.66 -0.38 -34.06
N THR B 85 15.55 -1.12 -35.16
CA THR B 85 15.69 -2.59 -35.14
C THR B 85 17.13 -3.01 -34.89
N GLY B 86 18.10 -2.19 -35.36
CA GLY B 86 19.51 -2.42 -35.07
C GLY B 86 19.76 -2.40 -33.56
N ILE B 87 19.38 -1.29 -32.96
CA ILE B 87 19.49 -1.09 -31.52
C ILE B 87 18.82 -2.25 -30.74
N SER B 88 17.55 -2.58 -31.08
CA SER B 88 16.81 -3.68 -30.43
C SER B 88 17.59 -4.98 -30.50
N LEU B 89 18.02 -5.34 -31.71
CA LEU B 89 18.81 -6.56 -31.92
C LEU B 89 20.17 -6.51 -31.20
N ALA B 90 20.73 -5.31 -31.03
CA ALA B 90 21.99 -5.20 -30.29
C ALA B 90 21.80 -5.55 -28.81
N MET B 91 20.62 -5.21 -28.27
CA MET B 91 20.30 -5.44 -26.87
C MET B 91 20.12 -6.93 -26.67
N ALA B 92 19.25 -7.53 -27.45
CA ALA B 92 19.03 -8.97 -27.37
C ALA B 92 20.31 -9.79 -27.53
N ALA B 93 21.19 -9.37 -28.43
CA ALA B 93 22.41 -10.09 -28.76
C ALA B 93 23.47 -10.02 -27.62
N ARG B 94 23.43 -8.98 -26.80
CA ARG B 94 24.22 -8.96 -25.57
C ARG B 94 23.76 -10.05 -24.61
N LEU B 95 22.44 -10.16 -24.44
CA LEU B 95 21.82 -11.11 -23.50
C LEU B 95 21.85 -12.55 -23.97
N LYS B 96 21.80 -12.79 -25.28
CA LYS B 96 21.85 -14.16 -25.80
C LYS B 96 23.21 -14.55 -26.34
N GLY B 97 24.12 -13.58 -26.38
CA GLY B 97 25.54 -13.83 -26.63
C GLY B 97 25.81 -14.02 -28.09
N TYR B 98 25.15 -13.21 -28.92
CA TYR B 98 25.38 -13.19 -30.37
C TYR B 98 26.16 -11.94 -30.75
N ARG B 99 26.84 -12.00 -31.90
CA ARG B 99 27.47 -10.82 -32.49
C ARG B 99 26.49 -10.13 -33.46
N LEU B 100 26.70 -8.83 -33.73
CA LEU B 100 25.79 -8.07 -34.61
C LEU B 100 26.47 -7.19 -35.64
N ILE B 101 26.12 -7.40 -36.91
CA ILE B 101 26.50 -6.52 -38.02
C ILE B 101 25.26 -5.76 -38.50
N CYS B 102 25.25 -4.44 -38.33
CA CYS B 102 24.16 -3.63 -38.83
C CYS B 102 24.61 -2.99 -40.15
N VAL B 103 23.65 -2.80 -41.05
CA VAL B 103 23.82 -1.97 -42.22
C VAL B 103 22.81 -0.83 -42.17
N MET B 104 23.32 0.37 -41.90
CA MET B 104 22.52 1.55 -41.69
C MET B 104 22.93 2.58 -42.72
N PRO B 105 21.99 3.34 -43.24
CA PRO B 105 22.40 4.47 -44.09
C PRO B 105 23.34 5.41 -43.36
N GLU B 106 24.25 6.04 -44.08
CA GLU B 106 25.13 7.06 -43.51
C GLU B 106 24.40 8.32 -43.03
N ASN B 107 23.28 8.70 -43.64
CA ASN B 107 22.61 9.92 -43.19
C ASN B 107 21.57 9.68 -42.10
N THR B 108 21.86 8.84 -41.11
CA THR B 108 20.93 8.62 -39.99
C THR B 108 21.47 9.40 -38.79
N SER B 109 20.72 9.43 -37.68
CA SER B 109 21.08 10.35 -36.62
C SER B 109 22.35 9.94 -35.87
N VAL B 110 23.03 10.95 -35.35
CA VAL B 110 24.23 10.73 -34.55
C VAL B 110 24.01 9.75 -33.39
N GLU B 111 22.91 9.94 -32.69
CA GLU B 111 22.75 9.23 -31.46
C GLU B 111 22.38 7.78 -31.69
N ARG B 112 22.05 7.39 -32.91
CA ARG B 112 21.78 5.97 -33.15
C ARG B 112 23.02 5.15 -33.52
N ARG B 113 24.07 5.77 -34.08
CA ARG B 113 25.37 5.10 -34.17
C ARG B 113 26.02 5.04 -32.79
N GLN B 114 25.89 6.10 -32.02
CA GLN B 114 26.48 6.10 -30.68
C GLN B 114 25.91 4.95 -29.90
N LEU B 115 24.59 4.81 -29.95
CA LEU B 115 23.95 3.74 -29.19
C LEU B 115 24.29 2.37 -29.76
N LEU B 116 24.25 2.20 -31.07
CA LEU B 116 24.61 0.94 -31.67
C LEU B 116 26.05 0.51 -31.31
N GLU B 117 26.99 1.45 -31.42
CA GLU B 117 28.38 1.21 -31.02
C GLU B 117 28.44 0.83 -29.56
N LEU B 118 27.67 1.51 -28.73
CA LEU B 118 27.60 1.17 -27.30
C LEU B 118 27.30 -0.32 -27.06
N TYR B 119 26.28 -0.88 -27.70
CA TYR B 119 26.03 -2.33 -27.56
C TYR B 119 27.04 -3.22 -28.31
N GLY B 120 27.97 -2.60 -29.01
CA GLY B 120 29.06 -3.32 -29.65
C GLY B 120 28.61 -4.06 -30.89
N ALA B 121 27.80 -3.41 -31.71
CA ALA B 121 27.49 -3.94 -33.03
C ALA B 121 28.37 -3.25 -34.07
N GLN B 122 28.76 -4.01 -35.10
CA GLN B 122 29.44 -3.46 -36.28
C GLN B 122 28.39 -2.67 -37.10
N ILE B 123 28.76 -1.48 -37.53
CA ILE B 123 27.89 -0.74 -38.40
C ILE B 123 28.59 -0.49 -39.73
N ILE B 124 27.99 -0.95 -40.81
CA ILE B 124 28.42 -0.56 -42.11
C ILE B 124 27.44 0.49 -42.63
N PHE B 125 27.98 1.69 -42.83
CA PHE B 125 27.21 2.82 -43.28
C PHE B 125 27.10 2.83 -44.79
N SER B 126 26.03 2.19 -45.27
CA SER B 126 25.67 2.24 -46.66
C SER B 126 25.37 3.67 -47.12
N ALA B 127 25.44 3.90 -48.42
CA ALA B 127 25.35 5.25 -48.98
C ALA B 127 23.93 5.80 -48.92
N ALA B 128 23.82 7.11 -48.74
CA ALA B 128 22.53 7.78 -48.64
C ALA B 128 21.76 7.70 -49.98
N GLU B 129 22.50 7.56 -51.06
CA GLU B 129 21.95 7.74 -52.39
C GLU B 129 20.63 6.99 -52.63
N GLY B 130 20.45 5.76 -52.13
CA GLY B 130 19.14 5.05 -52.30
C GLY B 130 18.49 4.52 -51.04
N GLY B 131 18.77 5.16 -49.91
CA GLY B 131 18.13 4.86 -48.64
C GLY B 131 18.06 3.39 -48.26
N SER B 132 16.86 2.93 -47.90
CA SER B 132 16.60 1.54 -47.51
C SER B 132 16.98 0.57 -48.56
N ASN B 133 16.58 0.87 -49.79
CA ASN B 133 16.94 0.03 -50.90
C ASN B 133 18.43 -0.24 -50.82
N THR B 134 19.22 0.82 -50.68
CA THR B 134 20.66 0.68 -50.71
C THR B 134 21.13 -0.16 -49.50
N ALA B 135 20.55 0.09 -48.34
CA ALA B 135 20.92 -0.63 -47.13
C ALA B 135 20.54 -2.13 -47.18
N VAL B 136 19.42 -2.45 -47.82
CA VAL B 136 18.96 -3.84 -47.91
C VAL B 136 19.78 -4.56 -48.98
N ALA B 137 19.98 -3.89 -50.12
CA ALA B 137 20.81 -4.44 -51.18
C ALA B 137 22.18 -4.74 -50.60
N THR B 138 22.74 -3.76 -49.90
CA THR B 138 24.04 -3.89 -49.23
C THR B 138 24.11 -5.06 -48.22
N ALA B 139 23.12 -5.22 -47.36
CA ALA B 139 23.05 -6.39 -46.47
C ALA B 139 22.93 -7.73 -47.20
N LYS B 140 22.21 -7.76 -48.33
CA LYS B 140 22.03 -9.00 -49.10
C LYS B 140 23.33 -9.43 -49.81
N GLU B 141 24.11 -8.44 -50.24
CA GLU B 141 25.43 -8.68 -50.83
C GLU B 141 26.38 -9.23 -49.76
N LEU B 142 26.26 -8.68 -48.55
CA LEU B 142 27.02 -9.14 -47.39
C LEU B 142 26.56 -10.51 -46.98
N ALA B 143 25.25 -10.72 -46.93
CA ALA B 143 24.72 -12.05 -46.56
C ALA B 143 25.27 -13.11 -47.50
N ALA B 144 25.71 -12.70 -48.69
CA ALA B 144 26.17 -13.61 -49.72
C ALA B 144 27.67 -13.96 -49.63
N THR B 145 28.49 -13.05 -49.10
CA THR B 145 29.91 -13.38 -48.86
C THR B 145 30.09 -14.33 -47.72
N ASN B 146 29.24 -14.24 -46.72
CA ASN B 146 29.43 -15.08 -45.57
C ASN B 146 28.12 -15.72 -45.17
N PRO B 147 27.78 -16.91 -45.74
CA PRO B 147 26.46 -17.43 -45.35
C PRO B 147 26.40 -18.01 -43.95
N SER B 148 27.46 -17.94 -43.17
CA SER B 148 27.38 -18.29 -41.75
C SER B 148 26.68 -17.18 -40.95
N TRP B 149 26.63 -15.95 -41.48
CA TRP B 149 25.84 -14.89 -40.84
C TRP B 149 24.35 -15.22 -41.01
N VAL B 150 23.55 -14.96 -39.98
CA VAL B 150 22.11 -15.14 -40.05
C VAL B 150 21.43 -13.78 -40.14
N MET B 151 20.93 -13.46 -41.34
CA MET B 151 20.06 -12.29 -41.60
C MET B 151 18.60 -12.61 -41.29
N LEU B 152 18.05 -12.03 -40.23
CA LEU B 152 16.65 -12.32 -39.86
C LEU B 152 15.65 -11.76 -40.88
N TYR B 153 16.02 -10.64 -41.49
CA TYR B 153 15.30 -10.00 -42.59
C TYR B 153 13.96 -9.48 -42.16
N GLN B 154 13.97 -8.33 -41.48
CA GLN B 154 12.73 -7.80 -40.86
C GLN B 154 11.65 -7.55 -41.89
N TYR B 155 12.07 -7.19 -43.09
CA TYR B 155 11.16 -6.92 -44.18
C TYR B 155 10.38 -8.14 -44.72
N GLY B 156 10.75 -9.36 -44.32
CA GLY B 156 10.07 -10.54 -44.85
C GLY B 156 9.87 -11.66 -43.83
N ASN B 157 10.05 -11.33 -42.58
CA ASN B 157 10.03 -12.35 -41.60
C ASN B 157 8.70 -12.24 -40.90
N PRO B 158 7.84 -13.26 -41.05
CA PRO B 158 6.51 -13.17 -40.50
C PRO B 158 6.54 -13.05 -38.98
N ALA B 159 7.66 -13.43 -38.34
CA ALA B 159 7.83 -13.25 -36.91
C ALA B 159 7.76 -11.77 -36.54
N ASN B 160 8.15 -10.89 -37.47
CA ASN B 160 7.81 -9.46 -37.36
C ASN B 160 6.31 -9.21 -37.23
N THR B 161 5.56 -9.55 -38.27
CA THR B 161 4.11 -9.45 -38.27
C THR B 161 3.48 -10.16 -37.07
N ASP B 162 3.99 -11.33 -36.72
CA ASP B 162 3.48 -12.12 -35.60
C ASP B 162 3.52 -11.41 -34.24
N SER B 163 4.60 -10.68 -33.99
CA SER B 163 4.76 -9.99 -32.72
C SER B 163 3.65 -8.98 -32.52
N HIS B 164 3.15 -8.39 -33.60
CA HIS B 164 2.07 -7.42 -33.49
C HIS B 164 0.70 -8.12 -33.45
N TYR B 165 0.56 -9.19 -34.19
CA TYR B 165 -0.64 -10.00 -34.14
C TYR B 165 -0.86 -10.62 -32.74
N CYS B 166 0.22 -11.00 -32.07
CA CYS B 166 0.10 -11.60 -30.76
C CYS B 166 0.25 -10.62 -29.61
N GLY B 167 0.79 -9.42 -29.90
CA GLY B 167 1.07 -8.42 -28.87
C GLY B 167 0.29 -7.16 -29.10
N THR B 168 0.81 -6.28 -29.97
CA THR B 168 0.24 -4.95 -30.18
C THR B 168 -1.28 -4.95 -30.30
N GLY B 169 -1.78 -5.87 -31.13
CA GLY B 169 -3.19 -5.96 -31.48
C GLY B 169 -4.09 -6.27 -30.30
N PRO B 170 -3.91 -7.45 -29.68
CA PRO B 170 -4.64 -7.85 -28.47
C PRO B 170 -4.61 -6.78 -27.36
N GLU B 171 -3.46 -6.18 -27.14
CA GLU B 171 -3.32 -5.12 -26.15
C GLU B 171 -4.23 -3.95 -26.53
N LEU B 172 -4.25 -3.60 -27.81
CA LEU B 172 -5.02 -2.46 -28.27
C LEU B 172 -6.53 -2.68 -28.18
N LEU B 173 -6.99 -3.89 -28.54
CA LEU B 173 -8.41 -4.17 -28.47
C LEU B 173 -8.90 -4.19 -27.02
N ALA B 174 -8.09 -4.82 -26.14
CA ALA B 174 -8.39 -4.82 -24.70
C ALA B 174 -8.60 -3.40 -24.13
N ASP B 175 -7.68 -2.48 -24.45
CA ASP B 175 -7.71 -1.12 -23.90
C ASP B 175 -8.66 -0.21 -24.60
N LEU B 176 -8.88 -0.42 -25.89
CA LEU B 176 -9.81 0.41 -26.67
C LEU B 176 -10.76 -0.46 -27.54
N PRO B 177 -11.72 -1.16 -26.90
CA PRO B 177 -12.64 -2.01 -27.65
C PRO B 177 -13.57 -1.23 -28.59
N GLU B 178 -13.81 0.04 -28.29
CA GLU B 178 -14.64 0.88 -29.13
C GLU B 178 -13.90 1.40 -30.34
N ILE B 179 -12.65 0.98 -30.52
CA ILE B 179 -11.80 1.39 -31.64
C ILE B 179 -12.52 1.39 -33.00
N THR B 180 -12.34 2.47 -33.77
CA THR B 180 -12.82 2.58 -35.16
C THR B 180 -11.70 2.71 -36.20
N HIS B 181 -10.55 3.21 -35.76
CA HIS B 181 -9.38 3.39 -36.63
C HIS B 181 -8.10 3.02 -35.89
N PHE B 182 -7.13 2.49 -36.65
CA PHE B 182 -5.76 2.28 -36.19
C PHE B 182 -4.86 2.94 -37.20
N VAL B 183 -3.88 3.70 -36.72
CA VAL B 183 -3.00 4.49 -37.58
C VAL B 183 -1.55 4.34 -37.16
N ALA B 184 -0.73 3.77 -38.06
CA ALA B 184 0.68 3.53 -37.81
C ALA B 184 1.50 3.82 -39.06
N GLY B 185 2.81 3.98 -38.92
CA GLY B 185 3.70 4.10 -40.07
C GLY B 185 3.85 2.78 -40.84
N LEU B 186 4.31 2.91 -42.07
CA LEU B 186 4.44 1.80 -42.99
C LEU B 186 5.89 1.74 -43.45
N GLY B 187 6.61 0.75 -42.92
CA GLY B 187 8.01 0.56 -43.26
C GLY B 187 8.22 -0.87 -43.68
N THR B 188 8.56 -1.70 -42.70
CA THR B 188 8.58 -3.16 -42.89
C THR B 188 7.15 -3.69 -43.15
N THR B 189 6.16 -2.98 -42.60
CA THR B 189 4.72 -3.28 -42.71
C THR B 189 4.20 -4.18 -41.60
N GLY B 190 5.09 -4.79 -40.81
CA GLY B 190 4.68 -5.71 -39.70
C GLY B 190 3.64 -5.15 -38.71
N THR B 191 3.83 -3.90 -38.29
CA THR B 191 2.91 -3.25 -37.38
C THR B 191 1.50 -3.27 -37.97
N LEU B 192 1.34 -2.69 -39.17
CA LEU B 192 0.00 -2.58 -39.80
C LEU B 192 -0.57 -3.95 -40.21
N MET B 193 0.28 -4.84 -40.71
CA MET B 193 -0.16 -6.15 -41.14
C MET B 193 -0.60 -7.05 -39.98
N GLY B 194 0.13 -7.00 -38.87
CA GLY B 194 -0.12 -7.84 -37.72
C GLY B 194 -1.23 -7.26 -36.87
N THR B 195 -1.09 -6.00 -36.49
CA THR B 195 -2.14 -5.30 -35.75
C THR B 195 -3.43 -5.23 -36.56
N GLY B 196 -3.29 -4.99 -37.86
CA GLY B 196 -4.42 -4.97 -38.79
C GLY B 196 -5.08 -6.32 -38.98
N ARG B 197 -4.32 -7.40 -39.08
CA ARG B 197 -4.93 -8.70 -39.29
C ARG B 197 -5.75 -9.06 -38.07
N PHE B 198 -5.16 -8.86 -36.89
CA PHE B 198 -5.85 -9.09 -35.61
C PHE B 198 -7.13 -8.28 -35.44
N LEU B 199 -7.04 -6.98 -35.64
CA LEU B 199 -8.17 -6.11 -35.41
C LEU B 199 -9.36 -6.41 -36.34
N ARG B 200 -9.08 -6.62 -37.62
CA ARG B 200 -10.11 -6.96 -38.60
C ARG B 200 -10.79 -8.31 -38.27
N GLU B 201 -10.07 -9.20 -37.59
CA GLU B 201 -10.67 -10.45 -37.14
C GLU B 201 -11.70 -10.24 -36.02
N HIS B 202 -11.62 -9.09 -35.33
CA HIS B 202 -12.39 -8.86 -34.11
C HIS B 202 -13.24 -7.61 -34.09
N VAL B 203 -12.90 -6.58 -34.86
CA VAL B 203 -13.63 -5.33 -34.85
C VAL B 203 -14.23 -5.04 -36.23
N ALA B 204 -15.55 -5.00 -36.29
CA ALA B 204 -16.27 -5.12 -37.54
C ALA B 204 -15.85 -4.05 -38.54
N ASN B 205 -16.03 -2.80 -38.19
CA ASN B 205 -15.93 -1.75 -39.20
C ASN B 205 -14.56 -1.05 -39.24
N VAL B 206 -13.54 -1.72 -38.68
CA VAL B 206 -12.30 -1.07 -38.36
C VAL B 206 -11.58 -0.56 -39.62
N LYS B 207 -11.00 0.63 -39.49
CA LYS B 207 -10.19 1.23 -40.54
C LYS B 207 -8.73 1.02 -40.18
N ILE B 208 -7.94 0.54 -41.13
CA ILE B 208 -6.48 0.44 -40.94
C ILE B 208 -5.78 1.38 -41.89
N VAL B 209 -5.16 2.40 -41.31
CA VAL B 209 -4.61 3.51 -42.03
C VAL B 209 -3.09 3.55 -41.88
N ALA B 210 -2.38 3.67 -43.00
CA ALA B 210 -0.93 3.77 -43.00
C ALA B 210 -0.48 5.19 -43.20
N ALA B 211 0.74 5.46 -42.74
CA ALA B 211 1.48 6.68 -43.04
C ALA B 211 2.86 6.28 -43.59
N GLU B 212 3.34 6.98 -44.61
CA GLU B 212 4.66 6.72 -45.21
C GLU B 212 5.32 8.02 -45.63
N PRO B 213 6.66 8.04 -45.83
CA PRO B 213 7.33 9.31 -46.21
C PRO B 213 7.10 9.68 -47.68
N ARG B 214 6.90 10.96 -47.98
CA ARG B 214 6.56 11.40 -49.33
C ARG B 214 7.79 11.45 -50.25
N GLY B 228 11.60 2.69 -54.59
CA GLY B 228 12.17 1.46 -54.05
C GLY B 228 11.21 0.29 -53.82
N PHE B 229 11.75 -0.81 -53.29
CA PHE B 229 11.00 -2.09 -53.17
C PHE B 229 9.77 -2.09 -52.30
N VAL B 230 9.12 -3.23 -52.31
CA VAL B 230 7.94 -3.47 -51.53
C VAL B 230 8.31 -4.64 -50.64
N PRO B 231 8.11 -4.51 -49.31
CA PRO B 231 8.56 -5.62 -48.46
C PRO B 231 7.67 -6.83 -48.57
N GLU B 232 8.25 -8.02 -48.40
CA GLU B 232 7.53 -9.28 -48.61
C GLU B 232 6.36 -9.46 -47.65
N LEU B 233 6.42 -8.80 -46.51
CA LEU B 233 5.38 -8.93 -45.51
C LEU B 233 4.10 -8.23 -45.90
N TYR B 234 4.18 -7.34 -46.88
CA TYR B 234 3.10 -6.41 -47.16
C TYR B 234 1.90 -7.10 -47.81
N ASP B 235 0.75 -7.05 -47.15
CA ASP B 235 -0.53 -7.49 -47.73
C ASP B 235 -1.44 -6.26 -47.84
N PRO B 236 -1.67 -5.77 -49.07
CA PRO B 236 -2.42 -4.51 -49.19
C PRO B 236 -3.92 -4.64 -48.90
N GLU B 237 -4.44 -5.87 -48.85
CA GLU B 237 -5.83 -6.09 -48.42
C GLU B 237 -6.09 -5.78 -46.96
N ILE B 238 -5.04 -5.76 -46.15
CA ILE B 238 -5.13 -5.35 -44.77
C ILE B 238 -5.35 -3.84 -44.65
N LEU B 239 -4.87 -3.05 -45.61
CA LEU B 239 -4.99 -1.59 -45.52
C LEU B 239 -6.28 -1.04 -46.06
N THR B 240 -6.76 0.01 -45.42
CA THR B 240 -7.90 0.81 -45.87
C THR B 240 -7.38 1.93 -46.73
N ALA B 241 -6.38 2.66 -46.20
CA ALA B 241 -5.83 3.86 -46.84
C ALA B 241 -4.35 4.06 -46.52
N ARG B 242 -3.69 4.89 -47.31
CA ARG B 242 -2.25 5.14 -47.25
C ARG B 242 -2.03 6.61 -47.50
N TYR B 243 -1.48 7.30 -46.52
CA TYR B 243 -1.17 8.72 -46.62
C TYR B 243 0.36 8.88 -46.79
N SER B 244 0.78 9.66 -47.78
CA SER B 244 2.13 10.18 -47.82
C SER B 244 2.20 11.46 -46.96
N VAL B 245 3.25 11.58 -46.16
CA VAL B 245 3.47 12.75 -45.31
C VAL B 245 4.88 13.27 -45.52
N GLY B 246 4.99 14.58 -45.72
CA GLY B 246 6.29 15.21 -45.83
C GLY B 246 6.89 15.40 -44.45
N ALA B 247 8.20 15.56 -44.43
CA ALA B 247 8.93 15.71 -43.20
C ALA B 247 8.58 17.03 -42.51
N VAL B 248 8.26 18.05 -43.30
CA VAL B 248 7.92 19.34 -42.70
C VAL B 248 6.62 19.21 -41.93
N ASP B 249 5.67 18.47 -42.47
CA ASP B 249 4.44 18.20 -41.74
C ASP B 249 4.66 17.32 -40.53
N ALA B 250 5.58 16.35 -40.66
CA ALA B 250 5.83 15.38 -39.59
C ALA B 250 6.56 15.99 -38.42
N VAL B 251 7.44 16.94 -38.71
CA VAL B 251 8.15 17.69 -37.67
C VAL B 251 7.17 18.59 -36.93
N ARG B 252 6.44 19.42 -37.67
CA ARG B 252 5.51 20.38 -37.04
C ARG B 252 4.43 19.65 -36.24
N ARG B 253 4.01 18.48 -36.71
CA ARG B 253 3.09 17.61 -35.95
C ARG B 253 3.72 17.10 -34.67
N THR B 254 5.01 16.74 -34.74
CA THR B 254 5.70 16.15 -33.62
C THR B 254 5.86 17.18 -32.53
N ARG B 255 6.24 18.39 -32.94
CA ARG B 255 6.37 19.52 -32.01
C ARG B 255 5.02 19.89 -31.35
N GLU B 256 3.93 19.64 -32.08
CA GLU B 256 2.57 19.88 -31.59
C GLU B 256 2.18 18.90 -30.48
N LEU B 257 2.58 17.63 -30.62
CA LEU B 257 2.25 16.57 -29.67
C LEU B 257 2.89 16.83 -28.31
N VAL B 258 4.17 17.20 -28.31
CA VAL B 258 4.86 17.62 -27.10
C VAL B 258 4.25 18.85 -26.44
N HIS B 259 3.90 19.85 -27.24
CA HIS B 259 3.41 21.08 -26.69
C HIS B 259 2.04 20.90 -26.08
N THR B 260 1.21 20.02 -26.63
CA THR B 260 -0.20 19.93 -26.22
C THR B 260 -0.55 18.69 -25.41
N GLU B 261 0.25 17.65 -25.48
CA GLU B 261 0.02 16.48 -24.65
C GLU B 261 1.25 16.14 -23.82
N GLY B 262 2.38 16.79 -24.11
CA GLY B 262 3.60 16.61 -23.35
C GLY B 262 4.35 15.36 -23.72
N ILE B 263 3.99 14.73 -24.83
CA ILE B 263 4.65 13.51 -25.25
C ILE B 263 5.79 13.92 -26.17
N PHE B 264 6.97 13.39 -25.85
CA PHE B 264 8.21 13.67 -26.58
C PHE B 264 8.45 12.48 -27.49
N ALA B 265 7.94 12.59 -28.72
CA ALA B 265 8.00 11.48 -29.68
C ALA B 265 8.94 11.79 -30.82
N GLY B 266 9.32 10.71 -31.52
CA GLY B 266 10.13 10.80 -32.72
C GLY B 266 9.33 11.29 -33.91
N ILE B 267 10.05 11.65 -34.96
CA ILE B 267 9.46 12.33 -36.09
C ILE B 267 8.45 11.46 -36.79
N SER B 268 8.66 10.15 -36.76
CA SER B 268 7.70 9.19 -37.28
C SER B 268 6.32 9.32 -36.68
N THR B 269 6.26 9.69 -35.42
CA THR B 269 4.99 9.81 -34.73
C THR B 269 4.23 11.09 -35.16
N GLY B 270 4.96 12.11 -35.60
CA GLY B 270 4.32 13.31 -36.11
C GLY B 270 3.57 13.03 -37.39
N ALA B 271 4.11 12.14 -38.21
CA ALA B 271 3.49 11.78 -39.49
C ALA B 271 2.29 10.86 -39.29
N VAL B 272 2.39 10.03 -38.28
CA VAL B 272 1.27 9.21 -37.88
C VAL B 272 0.21 10.17 -37.36
N LEU B 273 0.61 11.11 -36.51
CA LEU B 273 -0.32 12.12 -36.03
C LEU B 273 -0.92 12.94 -37.18
N HIS B 274 -0.11 13.28 -38.18
CA HIS B 274 -0.60 14.00 -39.32
C HIS B 274 -1.77 13.23 -39.99
N ALA B 275 -1.52 11.96 -40.26
CA ALA B 275 -2.55 11.05 -40.81
C ALA B 275 -3.79 10.98 -39.91
N ALA B 276 -3.57 10.70 -38.62
CA ALA B 276 -4.63 10.55 -37.63
C ALA B 276 -5.55 11.78 -37.52
N LEU B 277 -4.97 12.98 -37.61
CA LEU B 277 -5.78 14.19 -37.54
C LEU B 277 -6.59 14.33 -38.84
N GLY B 278 -5.97 14.01 -39.97
CA GLY B 278 -6.70 13.95 -41.24
C GLY B 278 -7.97 13.11 -41.11
N VAL B 279 -7.79 11.86 -40.68
CA VAL B 279 -8.87 10.93 -40.42
C VAL B 279 -9.89 11.53 -39.44
N GLY B 280 -9.40 12.02 -38.32
CA GLY B 280 -10.25 12.59 -37.29
C GLY B 280 -11.06 13.75 -37.83
N ALA B 281 -10.42 14.67 -38.56
CA ALA B 281 -11.09 15.84 -39.10
C ALA B 281 -12.21 15.44 -40.06
N GLY B 282 -11.99 14.32 -40.74
CA GLY B 282 -13.01 13.71 -41.59
C GLY B 282 -14.22 13.32 -40.81
N ALA B 283 -14.04 12.45 -39.80
CA ALA B 283 -15.16 11.93 -39.01
C ALA B 283 -15.95 13.08 -38.40
N LEU B 284 -15.21 14.12 -38.00
CA LEU B 284 -15.77 15.31 -37.33
C LEU B 284 -16.75 16.03 -38.24
N ALA B 285 -16.36 16.20 -39.50
CA ALA B 285 -17.14 16.94 -40.49
C ALA B 285 -18.31 16.12 -41.05
N ALA B 286 -18.18 14.79 -41.07
CA ALA B 286 -19.28 13.88 -41.41
C ALA B 286 -20.24 13.66 -40.25
N GLY B 287 -19.88 14.15 -39.06
CA GLY B 287 -20.68 13.94 -37.87
C GLY B 287 -20.68 12.53 -37.37
N GLU B 288 -19.57 11.80 -37.50
CA GLU B 288 -19.53 10.42 -37.01
C GLU B 288 -18.49 10.17 -35.93
N ARG B 289 -18.80 9.19 -35.07
CA ARG B 289 -17.96 8.84 -33.96
C ARG B 289 -16.68 8.16 -34.45
N ALA B 290 -15.59 8.32 -33.70
CA ALA B 290 -14.30 7.72 -34.06
C ALA B 290 -13.46 7.56 -32.81
N ASP B 291 -12.76 6.43 -32.74
CA ASP B 291 -11.81 6.19 -31.67
C ASP B 291 -10.49 5.70 -32.29
N ILE B 292 -9.63 6.67 -32.57
CA ILE B 292 -8.48 6.49 -33.42
C ILE B 292 -7.25 6.18 -32.60
N ALA B 293 -6.81 4.92 -32.61
CA ALA B 293 -5.58 4.51 -31.97
C ALA B 293 -4.39 4.81 -32.91
N LEU B 294 -3.31 5.34 -32.37
CA LEU B 294 -2.13 5.65 -33.18
C LEU B 294 -0.87 5.26 -32.42
N VAL B 295 0.13 4.76 -33.14
CA VAL B 295 1.38 4.33 -32.54
C VAL B 295 2.37 5.48 -32.39
N VAL B 296 2.83 5.70 -31.16
CA VAL B 296 4.05 6.49 -30.93
C VAL B 296 5.20 5.47 -30.90
N ALA B 297 5.85 5.28 -32.05
CA ALA B 297 6.73 4.15 -32.25
C ALA B 297 8.05 4.35 -31.53
N ASP B 298 8.52 5.60 -31.47
CA ASP B 298 9.66 5.90 -30.61
C ASP B 298 9.58 7.28 -29.98
N ALA B 299 10.48 7.53 -29.02
CA ALA B 299 10.61 8.82 -28.35
C ALA B 299 11.59 9.73 -29.11
N GLY B 300 11.60 11.01 -28.72
CA GLY B 300 12.38 12.03 -29.44
C GLY B 300 13.89 12.04 -29.16
N TRP B 301 14.34 11.18 -28.25
CA TRP B 301 15.71 11.20 -27.73
C TRP B 301 16.70 11.22 -28.85
N LYS B 302 16.66 10.19 -29.68
CA LYS B 302 17.64 10.10 -30.75
C LYS B 302 17.40 10.94 -32.02
N TYR B 303 16.49 11.91 -31.93
CA TYR B 303 16.27 12.87 -33.00
C TYR B 303 16.70 14.30 -32.66
N LEU B 304 17.02 14.60 -31.40
CA LEU B 304 17.34 15.97 -31.01
C LEU B 304 18.47 16.58 -31.81
N SER B 305 19.47 15.76 -32.20
CA SER B 305 20.61 16.27 -32.96
C SER B 305 20.23 16.79 -34.33
N THR B 306 19.06 16.43 -34.81
CA THR B 306 18.64 16.83 -36.14
C THR B 306 18.21 18.31 -36.16
N GLY B 307 17.90 18.86 -34.99
CA GLY B 307 17.48 20.25 -34.90
C GLY B 307 15.99 20.39 -35.08
N ALA B 308 15.28 19.26 -35.15
CA ALA B 308 13.83 19.27 -35.39
C ALA B 308 13.03 19.82 -34.21
N TYR B 309 13.64 19.88 -33.04
CA TYR B 309 12.94 20.33 -31.84
C TYR B 309 13.39 21.72 -31.32
N ALA B 310 14.06 22.51 -32.14
CA ALA B 310 14.72 23.73 -31.65
C ALA B 310 13.83 24.98 -31.65
N GLY B 311 13.52 25.53 -32.84
CA GLY B 311 12.62 26.71 -33.03
C GLY B 311 12.29 26.84 -34.52
N SER B 312 11.17 26.25 -34.94
CA SER B 312 10.96 25.90 -36.35
C SER B 312 12.27 25.57 -37.08
N ALA C 5 3.34 1.41 9.07
CA ALA C 5 3.74 0.30 9.99
C ALA C 5 2.67 -0.81 10.02
N ARG C 6 3.14 -2.02 9.86
CA ARG C 6 2.37 -3.22 10.11
C ARG C 6 3.29 -4.03 11.03
N TYR C 7 2.87 -5.20 11.49
CA TYR C 7 3.59 -5.82 12.58
C TYR C 7 3.90 -7.32 12.37
N ASP C 8 4.88 -7.80 13.14
CA ASP C 8 5.41 -9.17 13.07
C ASP C 8 4.83 -10.02 14.17
N SER C 9 4.39 -9.34 15.21
CA SER C 9 4.00 -9.96 16.46
C SER C 9 2.89 -9.07 17.05
N LEU C 10 1.90 -9.70 17.69
CA LEU C 10 0.90 -8.91 18.40
C LEU C 10 1.53 -8.00 19.49
N LEU C 11 2.69 -8.40 20.00
CA LEU C 11 3.45 -7.63 21.00
C LEU C 11 3.78 -6.23 20.59
N GLN C 12 3.98 -5.99 19.30
CA GLN C 12 4.38 -4.69 18.82
C GLN C 12 3.18 -3.81 18.47
N ALA C 13 1.98 -4.37 18.43
CA ALA C 13 0.78 -3.61 18.13
C ALA C 13 0.15 -3.28 19.45
N LEU C 14 0.81 -2.38 20.17
CA LEU C 14 0.40 -1.96 21.50
C LEU C 14 0.84 -0.53 21.65
N GLY C 15 0.12 0.22 22.43
CA GLY C 15 0.38 1.64 22.52
C GLY C 15 -0.28 2.43 21.40
N ASN C 16 0.23 3.65 21.19
CA ASN C 16 -0.39 4.59 20.28
C ASN C 16 -1.92 4.51 20.34
N THR C 17 -2.46 4.62 21.55
CA THR C 17 -3.89 4.54 21.77
C THR C 17 -4.59 5.86 21.45
N PRO C 18 -5.84 5.78 20.96
CA PRO C 18 -6.52 7.02 20.57
C PRO C 18 -6.97 7.85 21.76
N LEU C 19 -7.12 9.13 21.53
CA LEU C 19 -7.54 10.09 22.53
C LEU C 19 -8.82 10.74 22.00
N VAL C 20 -9.93 10.58 22.73
CA VAL C 20 -11.22 11.07 22.27
C VAL C 20 -11.85 12.07 23.24
N GLY C 21 -12.35 13.16 22.68
CA GLY C 21 -12.97 14.22 23.44
C GLY C 21 -14.40 13.86 23.74
N LEU C 22 -14.86 14.22 24.92
CA LEU C 22 -16.14 13.81 25.36
C LEU C 22 -16.92 15.08 25.48
N GLN C 23 -17.62 15.42 24.42
CA GLN C 23 -18.26 16.73 24.32
C GLN C 23 -19.56 16.75 25.09
N ARG C 24 -20.19 15.59 25.23
CA ARG C 24 -21.47 15.54 25.90
C ARG C 24 -21.22 15.42 27.40
N LEU C 25 -19.99 15.08 27.78
CA LEU C 25 -19.61 14.90 29.19
C LEU C 25 -18.61 15.93 29.72
N SER C 26 -17.97 16.69 28.84
CA SER C 26 -17.09 17.79 29.29
C SER C 26 -17.93 18.91 29.90
N PRO C 27 -17.45 19.55 30.96
CA PRO C 27 -18.17 20.66 31.59
C PRO C 27 -18.47 21.87 30.68
N ARG C 28 -17.69 22.07 29.63
CA ARG C 28 -17.96 23.12 28.65
C ARG C 28 -17.01 22.95 27.47
N TRP C 29 -17.47 22.23 26.43
CA TRP C 29 -16.62 21.94 25.28
C TRP C 29 -16.33 23.21 24.48
N ASP C 30 -17.39 23.98 24.18
CA ASP C 30 -17.25 25.25 23.48
C ASP C 30 -16.77 26.35 24.42
N ASP C 31 -16.28 27.46 23.87
CA ASP C 31 -15.61 28.50 24.67
C ASP C 31 -16.55 29.41 25.47
N HIS C 37 -13.18 27.32 28.60
CA HIS C 37 -13.65 25.99 28.26
C HIS C 37 -13.01 24.89 29.12
N VAL C 38 -13.80 23.86 29.45
CA VAL C 38 -13.29 22.73 30.26
C VAL C 38 -13.64 21.41 29.60
N ARG C 39 -12.59 20.69 29.19
CA ARG C 39 -12.70 19.53 28.31
C ARG C 39 -12.10 18.24 28.87
N LEU C 40 -12.85 17.16 28.78
CA LEU C 40 -12.35 15.84 29.15
C LEU C 40 -11.91 15.05 27.92
N TRP C 41 -10.72 14.45 27.99
CA TRP C 41 -10.15 13.66 26.91
C TRP C 41 -9.87 12.25 27.38
N ALA C 42 -10.52 11.27 26.77
CA ALA C 42 -10.33 9.87 27.16
C ALA C 42 -9.22 9.19 26.35
N LYS C 43 -8.23 8.63 27.05
CA LYS C 43 -7.24 7.78 26.39
C LYS C 43 -7.70 6.35 26.48
N LEU C 44 -7.90 5.73 25.32
CA LEU C 44 -8.53 4.40 25.23
C LEU C 44 -7.48 3.30 25.24
N GLU C 45 -7.06 2.93 26.47
CA GLU C 45 -6.08 1.87 26.67
C GLU C 45 -6.61 0.45 26.46
N ASP C 46 -7.93 0.29 26.30
CA ASP C 46 -8.51 -0.99 25.89
C ASP C 46 -8.11 -1.39 24.48
N ARG C 47 -7.60 -0.45 23.68
CA ARG C 47 -7.09 -0.78 22.34
C ARG C 47 -5.64 -1.25 22.49
N ASN C 48 -5.45 -2.35 23.19
CA ASN C 48 -4.14 -2.93 23.38
C ASN C 48 -4.33 -4.41 23.29
N PRO C 49 -3.26 -5.16 22.97
CA PRO C 49 -3.36 -6.57 22.64
C PRO C 49 -4.35 -7.37 23.45
N THR C 50 -4.39 -7.24 24.78
CA THR C 50 -5.33 -8.02 25.62
C THR C 50 -6.47 -7.20 26.28
N GLY C 51 -6.59 -5.94 25.89
CA GLY C 51 -7.71 -5.11 26.29
C GLY C 51 -7.48 -4.24 27.51
N SER C 52 -6.20 -4.00 27.88
CA SER C 52 -5.89 -3.09 28.98
C SER C 52 -4.49 -2.47 28.91
N ILE C 53 -4.33 -1.43 29.71
CA ILE C 53 -3.07 -0.71 29.83
C ILE C 53 -1.94 -1.60 30.32
N LYS C 54 -2.25 -2.69 30.99
CA LYS C 54 -1.20 -3.58 31.51
C LYS C 54 -0.30 -4.17 30.45
N ASP C 55 -0.73 -4.16 29.20
CA ASP C 55 0.13 -4.61 28.12
C ASP C 55 1.41 -3.77 27.99
N ARG C 56 1.32 -2.49 28.31
CA ARG C 56 2.46 -1.62 28.25
C ARG C 56 3.55 -1.97 29.27
N PRO C 57 3.21 -2.03 30.55
CA PRO C 57 4.24 -2.40 31.51
C PRO C 57 4.59 -3.88 31.49
N ALA C 58 3.62 -4.74 31.19
CA ALA C 58 3.89 -6.16 31.25
C ALA C 58 4.99 -6.52 30.24
N VAL C 59 4.82 -6.06 29.00
CA VAL C 59 5.77 -6.38 27.93
C VAL C 59 7.13 -5.74 28.21
N ARG C 60 7.13 -4.49 28.63
CA ARG C 60 8.37 -3.80 28.98
C ARG C 60 9.16 -4.57 30.03
N MET C 61 8.45 -5.03 31.06
CA MET C 61 9.09 -5.78 32.14
C MET C 61 9.68 -7.07 31.62
N ILE C 62 8.98 -7.74 30.73
CA ILE C 62 9.53 -8.97 30.15
C ILE C 62 10.77 -8.64 29.33
N GLU C 63 10.66 -7.59 28.52
CA GLU C 63 11.75 -7.22 27.62
C GLU C 63 12.96 -6.81 28.42
N GLN C 64 12.74 -6.05 29.48
CA GLN C 64 13.79 -5.61 30.37
C GLN C 64 14.54 -6.79 31.01
N ALA C 65 13.79 -7.81 31.40
CA ALA C 65 14.33 -8.96 32.09
C ALA C 65 15.17 -9.77 31.16
N GLU C 66 14.78 -9.75 29.88
CA GLU C 66 15.48 -10.50 28.83
C GLU C 66 16.87 -9.89 28.54
N ALA C 67 16.87 -8.57 28.37
CA ALA C 67 18.08 -7.78 28.18
C ALA C 67 18.99 -7.86 29.39
N ASP C 68 18.40 -7.82 30.59
CA ASP C 68 19.17 -7.96 31.82
C ASP C 68 19.68 -9.39 32.08
N GLY C 69 19.40 -10.32 31.18
CA GLY C 69 19.92 -11.68 31.29
C GLY C 69 19.19 -12.49 32.34
N LEU C 70 17.99 -12.02 32.70
CA LEU C 70 17.22 -12.59 33.81
C LEU C 70 16.24 -13.65 33.34
N LEU C 71 15.69 -13.48 32.15
CA LEU C 71 14.83 -14.50 31.56
C LEU C 71 15.57 -15.32 30.53
N ARG C 72 15.36 -16.63 30.56
CA ARG C 72 15.87 -17.51 29.53
C ARG C 72 14.72 -18.38 29.00
N PRO C 73 14.25 -18.12 27.76
CA PRO C 73 13.09 -18.82 27.18
C PRO C 73 12.91 -20.26 27.64
N GLY C 74 11.72 -20.56 28.17
CA GLY C 74 11.45 -21.82 28.85
C GLY C 74 11.32 -21.66 30.36
N ALA C 75 11.80 -20.54 30.89
CA ALA C 75 11.70 -20.27 32.34
C ALA C 75 10.25 -20.04 32.73
N THR C 76 9.98 -20.10 34.04
CA THR C 76 8.65 -19.79 34.56
C THR C 76 8.63 -18.37 35.13
N ILE C 77 7.62 -17.60 34.75
CA ILE C 77 7.41 -16.28 35.34
C ILE C 77 6.32 -16.40 36.42
N LEU C 78 6.46 -15.60 37.46
CA LEU C 78 5.56 -15.60 38.60
C LEU C 78 5.13 -14.19 38.84
N GLU C 79 3.82 -13.95 38.90
CA GLU C 79 3.32 -12.61 39.19
C GLU C 79 2.04 -12.58 39.98
N PRO C 80 1.99 -11.72 41.03
CA PRO C 80 0.72 -11.45 41.68
C PRO C 80 -0.06 -10.40 40.88
N THR C 81 -1.35 -10.65 40.67
CA THR C 81 -2.18 -9.73 39.91
C THR C 81 -3.62 -9.74 40.41
N SER C 82 -4.31 -8.62 40.14
CA SER C 82 -5.75 -8.52 40.33
C SER C 82 -6.49 -8.85 39.04
N GLY C 83 -5.76 -9.02 37.93
CA GLY C 83 -6.38 -9.42 36.68
C GLY C 83 -5.56 -9.12 35.45
N ASN C 84 -5.50 -7.85 35.16
CA ASN C 84 -4.97 -7.35 33.91
C ASN C 84 -3.54 -7.62 33.61
N THR C 85 -2.72 -7.67 34.64
CA THR C 85 -1.31 -7.89 34.45
C THR C 85 -1.06 -9.35 34.09
N GLY C 86 -1.72 -10.29 34.76
CA GLY C 86 -1.56 -11.72 34.45
C GLY C 86 -1.92 -11.95 32.99
N ILE C 87 -2.99 -11.27 32.56
CA ILE C 87 -3.53 -11.46 31.21
C ILE C 87 -2.50 -11.00 30.19
N SER C 88 -1.95 -9.80 30.41
CA SER C 88 -0.91 -9.25 29.55
C SER C 88 0.30 -10.15 29.54
N LEU C 89 0.72 -10.63 30.71
CA LEU C 89 1.86 -11.54 30.79
C LEU C 89 1.60 -12.91 30.13
N ALA C 90 0.47 -13.55 30.44
CA ALA C 90 0.15 -14.89 29.92
C ALA C 90 0.23 -14.93 28.39
N MET C 91 -0.22 -13.83 27.79
CA MET C 91 -0.12 -13.59 26.37
C MET C 91 1.33 -13.40 25.96
N ALA C 92 1.99 -12.40 26.51
CA ALA C 92 3.40 -12.15 26.18
C ALA C 92 4.28 -13.37 26.46
N ALA C 93 3.95 -14.13 27.51
CA ALA C 93 4.68 -15.36 27.84
C ALA C 93 4.49 -16.39 26.77
N ARG C 94 3.26 -16.51 26.29
CA ARG C 94 2.93 -17.41 25.17
C ARG C 94 3.79 -17.16 23.94
N LEU C 95 4.00 -15.89 23.61
CA LEU C 95 4.72 -15.53 22.40
C LEU C 95 6.21 -15.83 22.57
N LYS C 96 6.79 -15.35 23.68
CA LYS C 96 8.23 -15.39 23.90
C LYS C 96 8.72 -16.74 24.43
N GLY C 97 7.79 -17.63 24.80
CA GLY C 97 8.12 -19.01 25.17
C GLY C 97 8.32 -19.28 26.65
N TYR C 98 7.56 -18.60 27.53
CA TYR C 98 7.67 -18.76 28.99
C TYR C 98 6.41 -19.38 29.56
N ARG C 99 6.54 -20.10 30.68
CA ARG C 99 5.39 -20.55 31.44
C ARG C 99 5.08 -19.48 32.50
N LEU C 100 3.81 -19.37 32.89
CA LEU C 100 3.40 -18.33 33.84
C LEU C 100 2.54 -18.87 34.96
N ILE C 101 2.88 -18.44 36.19
CA ILE C 101 2.08 -18.70 37.38
C ILE C 101 1.61 -17.37 38.00
N CYS C 102 0.30 -17.18 38.07
CA CYS C 102 -0.28 -15.96 38.57
C CYS C 102 -0.91 -16.25 39.88
N VAL C 103 -0.79 -15.30 40.81
CA VAL C 103 -1.52 -15.34 42.08
C VAL C 103 -2.56 -14.22 42.09
N MET C 104 -3.80 -14.62 42.28
CA MET C 104 -4.91 -13.70 42.16
C MET C 104 -5.88 -14.02 43.27
N PRO C 105 -6.52 -13.00 43.83
CA PRO C 105 -7.53 -13.30 44.83
C PRO C 105 -8.71 -14.08 44.24
N GLU C 106 -9.29 -14.97 45.02
CA GLU C 106 -10.31 -15.89 44.52
C GLU C 106 -11.63 -15.19 44.30
N ASN C 107 -11.76 -14.00 44.88
CA ASN C 107 -12.94 -13.16 44.68
C ASN C 107 -12.72 -12.15 43.56
N THR C 108 -12.25 -12.63 42.41
CA THR C 108 -12.14 -11.84 41.17
C THR C 108 -13.19 -12.31 40.16
N SER C 109 -13.36 -11.57 39.06
CA SER C 109 -14.35 -11.94 38.06
C SER C 109 -13.93 -13.21 37.29
N VAL C 110 -14.94 -13.99 36.93
CA VAL C 110 -14.77 -15.25 36.18
C VAL C 110 -14.09 -15.02 34.83
N GLU C 111 -14.34 -13.85 34.22
CA GLU C 111 -13.70 -13.51 32.95
C GLU C 111 -12.18 -13.48 33.08
N ARG C 112 -11.68 -12.98 34.20
CA ARG C 112 -10.24 -12.97 34.48
C ARG C 112 -9.64 -14.38 34.55
N ARG C 113 -10.30 -15.26 35.27
CA ARG C 113 -9.89 -16.64 35.37
C ARG C 113 -9.98 -17.27 33.99
N GLN C 114 -11.08 -17.00 33.32
CA GLN C 114 -11.29 -17.52 31.98
C GLN C 114 -10.14 -17.18 31.04
N LEU C 115 -9.84 -15.89 30.94
CA LEU C 115 -8.83 -15.45 30.01
C LEU C 115 -7.47 -15.93 30.31
N LEU C 116 -7.08 -15.87 31.59
CA LEU C 116 -5.77 -16.39 32.01
C LEU C 116 -5.57 -17.87 31.68
N GLU C 117 -6.58 -18.68 31.91
CA GLU C 117 -6.45 -20.10 31.60
C GLU C 117 -6.46 -20.39 30.10
N LEU C 118 -7.13 -19.54 29.33
CA LEU C 118 -7.06 -19.61 27.87
C LEU C 118 -5.61 -19.38 27.35
N TYR C 119 -4.93 -18.35 27.85
CA TYR C 119 -3.52 -18.12 27.49
C TYR C 119 -2.53 -19.16 28.00
N GLY C 120 -3.02 -20.15 28.75
CA GLY C 120 -2.20 -21.26 29.23
C GLY C 120 -1.60 -21.06 30.62
N ALA C 121 -1.86 -19.90 31.22
CA ALA C 121 -1.35 -19.59 32.54
C ALA C 121 -1.89 -20.53 33.60
N GLN C 122 -1.07 -20.78 34.62
CA GLN C 122 -1.51 -21.43 35.84
C GLN C 122 -1.91 -20.35 36.82
N ILE C 123 -3.02 -20.55 37.52
CA ILE C 123 -3.49 -19.60 38.54
C ILE C 123 -3.45 -20.22 39.95
N ILE C 124 -2.92 -19.41 40.88
CA ILE C 124 -3.00 -19.65 42.30
C ILE C 124 -3.97 -18.60 42.87
N PHE C 125 -5.08 -19.08 43.42
CA PHE C 125 -6.11 -18.22 43.98
C PHE C 125 -5.91 -17.98 45.47
N SER C 126 -5.16 -16.94 45.79
CA SER C 126 -4.92 -16.54 47.19
C SER C 126 -6.24 -16.25 47.89
N ALA C 127 -6.30 -16.50 49.19
CA ALA C 127 -7.53 -16.30 49.97
C ALA C 127 -8.10 -14.89 49.79
N ALA C 128 -9.42 -14.79 49.76
CA ALA C 128 -10.10 -13.52 49.51
C ALA C 128 -9.85 -12.50 50.60
N GLU C 129 -9.91 -12.93 51.86
CA GLU C 129 -9.64 -12.10 53.03
C GLU C 129 -8.67 -10.94 52.77
N GLY C 130 -7.49 -11.27 52.24
CA GLY C 130 -6.39 -10.32 52.23
C GLY C 130 -6.26 -9.54 50.93
N GLY C 131 -6.92 -10.02 49.87
CA GLY C 131 -6.88 -9.36 48.56
C GLY C 131 -5.50 -9.36 47.93
N SER C 132 -5.03 -8.15 47.60
CA SER C 132 -3.76 -7.96 46.90
C SER C 132 -2.55 -8.17 47.80
N ASN C 133 -2.58 -7.62 49.01
CA ASN C 133 -1.59 -7.95 50.03
C ASN C 133 -1.28 -9.45 50.03
N THR C 134 -2.34 -10.26 50.11
CA THR C 134 -2.22 -11.71 50.27
C THR C 134 -1.71 -12.41 49.02
N ALA C 135 -2.06 -11.87 47.85
CA ALA C 135 -1.49 -12.36 46.61
C ALA C 135 0.01 -12.07 46.59
N VAL C 136 0.37 -10.83 46.89
CA VAL C 136 1.77 -10.42 46.93
C VAL C 136 2.55 -11.27 47.97
N ALA C 137 2.02 -11.37 49.18
CA ALA C 137 2.58 -12.25 50.22
C ALA C 137 2.81 -13.66 49.70
N THR C 138 1.77 -14.21 49.12
CA THR C 138 1.80 -15.58 48.62
C THR C 138 2.81 -15.71 47.48
N ALA C 139 2.85 -14.68 46.62
CA ALA C 139 3.81 -14.64 45.52
C ALA C 139 5.27 -14.57 46.04
N LYS C 140 5.52 -13.79 47.08
CA LYS C 140 6.85 -13.71 47.65
C LYS C 140 7.28 -15.03 48.29
N GLU C 141 6.35 -15.75 48.88
CA GLU C 141 6.66 -17.04 49.45
C GLU C 141 7.05 -18.00 48.33
N LEU C 142 6.31 -17.95 47.20
CA LEU C 142 6.65 -18.81 46.06
C LEU C 142 8.02 -18.44 45.46
N ALA C 143 8.28 -17.14 45.29
CA ALA C 143 9.58 -16.68 44.82
C ALA C 143 10.70 -17.28 45.65
N ALA C 144 10.59 -17.16 46.97
CA ALA C 144 11.66 -17.62 47.88
C ALA C 144 11.83 -19.14 47.91
N THR C 145 10.78 -19.87 47.60
CA THR C 145 10.86 -21.33 47.50
C THR C 145 11.45 -21.79 46.17
N ASN C 146 11.32 -20.95 45.16
CA ASN C 146 11.66 -21.30 43.78
C ASN C 146 12.57 -20.21 43.18
N PRO C 147 13.89 -20.37 43.36
CA PRO C 147 14.83 -19.38 42.86
C PRO C 147 14.81 -19.26 41.34
N SER C 148 14.63 -20.38 40.65
CA SER C 148 14.61 -20.34 39.18
C SER C 148 13.36 -19.65 38.58
N TRP C 149 12.27 -19.56 39.34
CA TRP C 149 11.12 -18.77 38.90
C TRP C 149 11.49 -17.32 39.00
N VAL C 150 11.11 -16.54 37.99
CA VAL C 150 11.34 -15.11 37.98
C VAL C 150 10.03 -14.39 38.28
N MET C 151 10.07 -13.56 39.32
CA MET C 151 8.99 -12.66 39.65
C MET C 151 9.39 -11.27 39.22
N LEU C 152 8.73 -10.79 38.17
CA LEU C 152 9.01 -9.46 37.65
C LEU C 152 8.62 -8.35 38.64
N TYR C 153 7.56 -8.59 39.37
CA TYR C 153 7.12 -7.76 40.45
C TYR C 153 6.69 -6.33 40.03
N GLN C 154 5.50 -6.27 39.46
CA GLN C 154 4.89 -5.01 38.96
C GLN C 154 4.82 -3.83 39.93
N TYR C 155 4.89 -4.11 41.22
CA TYR C 155 4.73 -3.06 42.23
C TYR C 155 6.00 -2.30 42.56
N GLY C 156 7.15 -2.93 42.34
CA GLY C 156 8.46 -2.29 42.48
C GLY C 156 9.47 -2.69 41.41
N ASN C 157 9.06 -2.59 40.13
CA ASN C 157 9.92 -2.81 38.98
C ASN C 157 9.91 -1.53 38.13
N PRO C 158 11.09 -0.87 37.96
CA PRO C 158 11.08 0.45 37.28
C PRO C 158 10.59 0.41 35.85
N ALA C 159 10.72 -0.74 35.19
CA ALA C 159 10.27 -0.88 33.81
C ALA C 159 8.75 -0.59 33.69
N ASN C 160 8.00 -0.97 34.72
CA ASN C 160 6.58 -0.63 34.79
C ASN C 160 6.39 0.85 34.52
N THR C 161 6.98 1.69 35.36
CA THR C 161 6.89 3.15 35.21
C THR C 161 7.46 3.67 33.89
N ASP C 162 8.62 3.17 33.48
CA ASP C 162 9.23 3.56 32.20
C ASP C 162 8.30 3.41 31.00
N SER C 163 7.54 2.32 30.94
CA SER C 163 6.62 2.09 29.85
C SER C 163 5.72 3.28 29.64
N HIS C 164 5.33 3.93 30.73
CA HIS C 164 4.44 5.09 30.65
C HIS C 164 5.22 6.37 30.42
N TYR C 165 6.40 6.47 31.04
CA TYR C 165 7.34 7.55 30.76
C TYR C 165 7.77 7.55 29.31
N CYS C 166 7.99 6.36 28.75
CA CYS C 166 8.43 6.22 27.37
C CYS C 166 7.28 6.06 26.38
N GLY C 167 6.09 5.66 26.82
CA GLY C 167 4.94 5.49 25.91
C GLY C 167 3.81 6.50 26.12
N THR C 168 2.98 6.21 27.14
CA THR C 168 1.74 6.93 27.45
C THR C 168 1.89 8.45 27.51
N GLY C 169 2.92 8.92 28.19
CA GLY C 169 3.18 10.35 28.32
C GLY C 169 3.39 11.00 26.97
N PRO C 170 4.42 10.56 26.23
CA PRO C 170 4.68 11.07 24.89
C PRO C 170 3.44 11.17 24.01
N GLU C 171 2.66 10.11 23.94
CA GLU C 171 1.47 10.07 23.06
C GLU C 171 0.42 11.10 23.45
N LEU C 172 0.33 11.36 24.75
CA LEU C 172 -0.53 12.40 25.31
C LEU C 172 -0.07 13.80 24.87
N LEU C 173 1.19 14.10 25.17
CA LEU C 173 1.73 15.40 24.81
C LEU C 173 1.69 15.68 23.31
N ALA C 174 1.81 14.62 22.50
CA ALA C 174 1.67 14.75 21.04
C ALA C 174 0.22 15.08 20.63
N ASP C 175 -0.74 14.24 21.00
CA ASP C 175 -2.17 14.45 20.67
C ASP C 175 -2.82 15.61 21.44
N LEU C 176 -2.26 15.97 22.60
CA LEU C 176 -2.85 17.03 23.43
C LEU C 176 -1.78 17.92 24.04
N PRO C 177 -1.16 18.80 23.22
CA PRO C 177 -0.17 19.74 23.74
C PRO C 177 -0.76 20.71 24.78
N GLU C 178 -2.03 21.12 24.61
CA GLU C 178 -2.68 22.04 25.56
C GLU C 178 -3.11 21.43 26.91
N ILE C 179 -2.73 20.17 27.16
CA ILE C 179 -3.08 19.47 28.41
C ILE C 179 -2.83 20.33 29.64
N THR C 180 -3.69 20.20 30.63
CA THR C 180 -3.51 20.84 31.94
C THR C 180 -3.55 19.84 33.09
N HIS C 181 -4.38 18.81 32.97
CA HIS C 181 -4.42 17.73 33.96
C HIS C 181 -4.25 16.37 33.31
N PHE C 182 -3.58 15.47 34.03
CA PHE C 182 -3.60 14.05 33.69
C PHE C 182 -4.21 13.36 34.90
N VAL C 183 -5.19 12.50 34.66
CA VAL C 183 -5.90 11.81 35.74
C VAL C 183 -5.86 10.32 35.46
N ALA C 184 -5.62 9.52 36.49
CA ALA C 184 -5.45 8.05 36.30
C ALA C 184 -5.60 7.27 37.59
N GLY C 185 -5.84 5.97 37.45
CA GLY C 185 -5.98 5.09 38.60
C GLY C 185 -4.64 4.93 39.30
N LEU C 186 -4.68 4.70 40.59
CA LEU C 186 -3.49 4.52 41.38
C LEU C 186 -3.45 3.10 41.93
N GLY C 187 -2.64 2.26 41.29
CA GLY C 187 -2.55 0.86 41.64
C GLY C 187 -1.11 0.50 41.85
N THR C 188 -0.43 0.03 40.80
CA THR C 188 1.02 -0.18 40.89
C THR C 188 1.69 1.17 41.09
N THR C 189 1.07 2.20 40.52
CA THR C 189 1.50 3.60 40.49
C THR C 189 2.25 3.99 39.22
N GLY C 190 2.78 3.01 38.48
CA GLY C 190 3.53 3.26 37.24
C GLY C 190 2.89 4.25 36.26
N THR C 191 1.59 4.17 36.08
CA THR C 191 0.93 5.02 35.10
C THR C 191 1.13 6.47 35.47
N LEU C 192 0.77 6.79 36.70
CA LEU C 192 0.89 8.15 37.20
C LEU C 192 2.35 8.58 37.32
N MET C 193 3.21 7.67 37.79
CA MET C 193 4.62 8.01 37.98
C MET C 193 5.34 8.26 36.67
N GLY C 194 5.18 7.37 35.71
CA GLY C 194 5.84 7.49 34.41
C GLY C 194 5.24 8.60 33.59
N THR C 195 3.92 8.61 33.46
CA THR C 195 3.25 9.64 32.69
C THR C 195 3.45 11.00 33.35
N GLY C 196 3.39 11.00 34.68
CA GLY C 196 3.51 12.22 35.46
C GLY C 196 4.90 12.79 35.35
N ARG C 197 5.91 11.93 35.55
CA ARG C 197 7.31 12.39 35.48
C ARG C 197 7.58 13.01 34.10
N PHE C 198 7.06 12.38 33.05
CA PHE C 198 7.23 12.88 31.71
C PHE C 198 6.49 14.20 31.52
N LEU C 199 5.21 14.20 31.87
CA LEU C 199 4.38 15.39 31.62
C LEU C 199 4.91 16.63 32.35
N ARG C 200 5.37 16.43 33.58
CA ARG C 200 5.94 17.50 34.39
C ARG C 200 7.16 18.15 33.73
N GLU C 201 8.01 17.32 33.13
CA GLU C 201 9.22 17.76 32.42
C GLU C 201 8.98 18.54 31.12
N HIS C 202 7.79 18.45 30.58
CA HIS C 202 7.49 19.15 29.33
C HIS C 202 6.36 20.20 29.43
N VAL C 203 5.75 20.33 30.60
CA VAL C 203 4.54 21.15 30.78
C VAL C 203 4.62 21.83 32.11
N ALA C 204 4.10 23.07 32.20
CA ALA C 204 4.11 23.83 33.45
C ALA C 204 3.04 23.30 34.37
N VAL C 206 0.92 21.79 35.09
CA VAL C 206 0.33 20.53 34.67
C VAL C 206 0.05 19.69 35.88
N LYS C 207 -1.17 19.23 36.04
CA LYS C 207 -1.53 18.56 37.29
C LYS C 207 -1.74 17.05 37.13
N ILE C 208 -1.05 16.31 37.97
CA ILE C 208 -1.19 14.88 37.97
C ILE C 208 -2.13 14.56 39.12
N VAL C 209 -3.26 13.93 38.80
CA VAL C 209 -4.30 13.63 39.76
C VAL C 209 -4.55 12.13 39.79
N ALA C 210 -4.80 11.57 40.96
CA ALA C 210 -4.96 10.14 41.07
C ALA C 210 -6.36 9.76 41.54
N ALA C 211 -6.82 8.61 41.05
CA ALA C 211 -8.03 7.97 41.52
C ALA C 211 -7.62 6.74 42.29
N GLU C 212 -8.10 6.57 43.51
CA GLU C 212 -7.82 5.36 44.28
C GLU C 212 -9.08 4.84 44.96
N PRO C 213 -9.15 3.52 45.20
CA PRO C 213 -10.35 2.90 45.78
C PRO C 213 -10.53 3.21 47.30
N ARG C 214 -11.79 3.24 47.76
CA ARG C 214 -12.15 3.68 49.11
C ARG C 214 -13.04 2.65 49.74
N PRO C 231 4.05 0.05 47.95
CA PRO C 231 4.36 -0.05 46.52
C PRO C 231 5.56 0.83 46.18
N GLU C 232 6.73 0.20 46.06
CA GLU C 232 8.03 0.90 45.96
C GLU C 232 8.10 1.92 44.82
N LEU C 233 7.40 1.66 43.72
CA LEU C 233 7.38 2.59 42.60
C LEU C 233 6.81 3.94 42.97
N TYR C 234 6.14 4.04 44.12
CA TYR C 234 5.48 5.29 44.53
C TYR C 234 6.46 6.39 44.85
N ASP C 235 6.00 7.61 44.67
CA ASP C 235 6.78 8.77 44.99
C ASP C 235 5.75 9.88 45.13
N PRO C 236 5.58 10.40 46.35
CA PRO C 236 4.47 11.32 46.62
C PRO C 236 4.51 12.62 45.83
N GLU C 237 5.72 13.12 45.53
CA GLU C 237 5.89 14.48 45.00
C GLU C 237 5.53 14.66 43.53
N ILE C 238 5.02 13.62 42.86
CA ILE C 238 4.52 13.75 41.47
C ILE C 238 3.05 14.11 41.40
N LEU C 239 2.27 13.59 42.34
CA LEU C 239 0.84 13.86 42.33
C LEU C 239 0.61 15.27 42.83
N THR C 240 -0.32 16.00 42.21
CA THR C 240 -0.79 17.25 42.77
C THR C 240 -2.12 17.07 43.50
N ALA C 241 -2.87 16.02 43.17
CA ALA C 241 -4.10 15.69 43.91
C ALA C 241 -4.33 14.19 44.08
N ARG C 242 -5.19 13.82 45.03
CA ARG C 242 -5.58 12.42 45.26
C ARG C 242 -7.00 12.40 45.76
N TYR C 243 -7.80 11.52 45.18
CA TYR C 243 -9.20 11.43 45.48
C TYR C 243 -9.57 9.99 45.77
N SER C 244 -10.31 9.77 46.84
CA SER C 244 -10.77 8.44 47.16
C SER C 244 -12.20 8.27 46.71
N VAL C 245 -12.38 7.39 45.73
CA VAL C 245 -13.67 7.22 45.11
C VAL C 245 -14.24 5.91 45.58
N GLY C 246 -15.54 5.92 45.84
CA GLY C 246 -16.27 4.72 46.23
C GLY C 246 -16.74 3.87 45.05
N ALA C 247 -17.10 2.64 45.38
CA ALA C 247 -17.63 1.67 44.42
C ALA C 247 -18.92 2.14 43.76
N VAL C 248 -19.88 2.61 44.54
CA VAL C 248 -21.14 3.12 43.99
C VAL C 248 -20.86 4.23 43.02
N ASP C 249 -19.96 5.13 43.41
CA ASP C 249 -19.63 6.27 42.58
C ASP C 249 -18.95 5.86 41.28
N ALA C 250 -17.99 4.94 41.37
CA ALA C 250 -17.31 4.43 40.18
C ALA C 250 -18.29 3.69 39.26
N VAL C 251 -19.06 2.77 39.82
CA VAL C 251 -20.09 2.03 39.07
C VAL C 251 -21.10 3.01 38.44
N ARG C 252 -21.54 3.98 39.23
CA ARG C 252 -22.45 5.01 38.75
C ARG C 252 -21.82 5.89 37.65
N ARG C 253 -20.54 6.22 37.77
CA ARG C 253 -19.85 6.99 36.71
C ARG C 253 -19.46 6.20 35.46
N THR C 254 -19.20 4.88 35.62
CA THR C 254 -18.94 4.01 34.47
C THR C 254 -20.16 3.98 33.55
N ARG C 255 -21.35 3.91 34.12
CA ARG C 255 -22.61 3.90 33.36
C ARG C 255 -22.86 5.20 32.63
N GLU C 256 -22.61 6.31 33.31
CA GLU C 256 -22.87 7.60 32.73
C GLU C 256 -22.02 7.82 31.51
N LEU C 257 -20.81 7.26 31.54
CA LEU C 257 -19.89 7.34 30.42
C LEU C 257 -20.45 6.61 29.20
N VAL C 258 -20.99 5.42 29.42
CA VAL C 258 -21.59 4.62 28.35
C VAL C 258 -22.81 5.34 27.75
N HIS C 259 -23.70 5.85 28.59
CA HIS C 259 -24.91 6.51 28.11
C HIS C 259 -24.62 7.81 27.38
N THR C 260 -23.60 8.52 27.84
CA THR C 260 -23.32 9.84 27.29
C THR C 260 -22.27 9.83 26.19
N GLU C 261 -21.33 8.89 26.26
CA GLU C 261 -20.22 8.88 25.28
C GLU C 261 -20.06 7.57 24.53
N GLY C 262 -20.85 6.55 24.88
CA GLY C 262 -20.79 5.26 24.20
C GLY C 262 -19.58 4.40 24.54
N ILE C 263 -18.70 4.90 25.41
CA ILE C 263 -17.49 4.18 25.82
C ILE C 263 -17.79 3.12 26.89
N PHE C 264 -17.74 1.86 26.46
CA PHE C 264 -17.89 0.72 27.37
C PHE C 264 -16.61 0.45 28.19
N ALA C 265 -16.40 1.27 29.21
CA ALA C 265 -15.19 1.21 30.02
C ALA C 265 -15.34 0.23 31.18
N GLY C 266 -14.22 -0.08 31.82
CA GLY C 266 -14.18 -0.81 33.10
C GLY C 266 -14.49 0.11 34.28
N ILE C 267 -14.50 -0.46 35.50
CA ILE C 267 -14.93 0.28 36.68
C ILE C 267 -13.91 1.35 37.08
N SER C 268 -12.62 1.02 36.96
CA SER C 268 -11.57 1.96 37.36
C SER C 268 -11.75 3.26 36.58
N THR C 269 -12.18 3.15 35.34
CA THR C 269 -12.42 4.33 34.54
C THR C 269 -13.52 5.20 35.13
N GLY C 270 -14.53 4.56 35.72
CA GLY C 270 -15.59 5.26 36.41
C GLY C 270 -15.08 6.12 37.55
N ALA C 271 -14.18 5.55 38.34
CA ALA C 271 -13.57 6.29 39.43
C ALA C 271 -12.68 7.41 38.90
N VAL C 272 -11.96 7.13 37.83
CA VAL C 272 -11.10 8.14 37.22
C VAL C 272 -11.97 9.32 36.81
N LEU C 273 -13.04 9.00 36.10
CA LEU C 273 -14.00 10.00 35.64
C LEU C 273 -14.50 10.90 36.79
N HIS C 274 -14.90 10.27 37.88
CA HIS C 274 -15.35 10.99 39.06
C HIS C 274 -14.32 12.02 39.53
N ALA C 275 -13.06 11.59 39.62
CA ALA C 275 -11.96 12.50 39.98
C ALA C 275 -11.83 13.64 38.95
N ALA C 276 -11.88 13.26 37.68
CA ALA C 276 -11.70 14.20 36.58
C ALA C 276 -12.85 15.21 36.46
N LEU C 277 -14.05 14.80 36.87
CA LEU C 277 -15.18 15.73 36.88
C LEU C 277 -15.05 16.66 38.08
N GLY C 278 -14.50 16.13 39.18
CA GLY C 278 -14.13 16.94 40.33
C GLY C 278 -13.18 18.05 39.90
N VAL C 279 -12.10 17.66 39.24
CA VAL C 279 -11.19 18.63 38.64
C VAL C 279 -11.96 19.64 37.80
N GLY C 280 -12.78 19.13 36.89
CA GLY C 280 -13.52 19.98 35.97
C GLY C 280 -14.32 21.04 36.67
N ALA C 281 -15.29 20.59 37.47
CA ALA C 281 -16.22 21.50 38.16
C ALA C 281 -15.45 22.58 38.91
N GLY C 282 -14.30 22.19 39.47
CA GLY C 282 -13.35 23.14 40.05
C GLY C 282 -12.90 24.18 39.06
N ALA C 283 -12.09 23.79 38.08
CA ALA C 283 -11.57 24.71 37.05
C ALA C 283 -12.65 25.65 36.56
N LEU C 284 -13.87 25.11 36.41
CA LEU C 284 -15.06 25.85 36.01
C LEU C 284 -15.38 26.94 37.02
N ALA C 285 -15.36 26.57 38.30
CA ALA C 285 -15.65 27.50 39.40
C ALA C 285 -14.58 28.60 39.55
N ALA C 286 -13.33 28.32 39.17
CA ALA C 286 -12.25 29.33 39.20
C ALA C 286 -12.16 30.12 37.89
N GLY C 287 -12.93 29.69 36.89
CA GLY C 287 -13.00 30.34 35.59
C GLY C 287 -11.77 30.07 34.77
N GLU C 288 -11.29 28.83 34.79
CA GLU C 288 -10.02 28.49 34.17
C GLU C 288 -10.22 27.57 32.98
N ARG C 289 -9.31 27.67 32.02
CA ARG C 289 -9.31 26.77 30.88
C ARG C 289 -8.55 25.51 31.29
N ALA C 290 -9.04 24.37 30.87
CA ALA C 290 -8.43 23.12 31.29
C ALA C 290 -8.76 22.05 30.30
N ASP C 291 -7.72 21.39 29.81
CA ASP C 291 -7.90 20.18 29.03
C ASP C 291 -7.42 19.02 29.87
N ILE C 292 -8.39 18.31 30.46
CA ILE C 292 -8.12 17.19 31.35
C ILE C 292 -7.98 15.90 30.56
N ALA C 293 -6.80 15.30 30.61
CA ALA C 293 -6.57 13.96 30.08
C ALA C 293 -6.93 12.92 31.16
N LEU C 294 -7.67 11.88 30.77
CA LEU C 294 -8.03 10.80 31.70
C LEU C 294 -7.87 9.41 31.07
N VAL C 295 -7.51 8.41 31.86
CA VAL C 295 -7.28 7.07 31.36
C VAL C 295 -8.52 6.16 31.40
N VAL C 296 -8.73 5.43 30.30
CA VAL C 296 -9.67 4.32 30.26
C VAL C 296 -8.84 3.07 30.28
N ALA C 297 -8.56 2.56 31.46
CA ALA C 297 -7.55 1.51 31.62
C ALA C 297 -7.93 0.18 30.98
N ASP C 298 -9.20 -0.20 31.08
CA ASP C 298 -9.75 -1.36 30.36
C ASP C 298 -11.22 -1.18 30.06
N ALA C 299 -11.75 -2.07 29.24
CA ALA C 299 -13.15 -2.04 28.84
C ALA C 299 -14.01 -2.83 29.82
N GLY C 300 -15.32 -2.87 29.58
CA GLY C 300 -16.25 -3.51 30.49
C GLY C 300 -16.39 -5.01 30.38
N TRP C 301 -15.66 -5.61 29.45
CA TRP C 301 -15.87 -7.01 29.11
C TRP C 301 -15.70 -7.95 30.30
N LYS C 302 -14.70 -7.69 31.14
CA LYS C 302 -14.41 -8.57 32.27
C LYS C 302 -15.28 -8.29 33.49
N TYR C 303 -16.07 -7.21 33.43
CA TYR C 303 -16.91 -6.81 34.53
C TYR C 303 -18.40 -7.16 34.34
N LEU C 304 -18.79 -7.64 33.17
CA LEU C 304 -20.19 -7.93 32.92
C LEU C 304 -20.74 -8.86 34.00
N SER C 305 -20.03 -9.95 34.29
CA SER C 305 -20.48 -11.00 35.23
C SER C 305 -20.72 -10.52 36.66
N THR C 306 -20.25 -9.32 36.96
CA THR C 306 -20.37 -8.79 38.30
C THR C 306 -21.77 -8.26 38.54
N GLY C 307 -22.48 -7.88 37.48
CA GLY C 307 -23.76 -7.17 37.61
C GLY C 307 -23.63 -5.66 37.58
N ALA C 308 -22.44 -5.14 37.27
CA ALA C 308 -22.15 -3.70 37.33
C ALA C 308 -22.79 -2.84 36.25
N TYR C 309 -23.53 -3.45 35.33
CA TYR C 309 -23.92 -2.79 34.08
C TYR C 309 -25.41 -2.91 33.77
N ARG D 6 -6.01 12.41 17.48
CA ARG D 6 -7.06 13.07 18.31
C ARG D 6 -8.43 13.06 17.61
N TYR D 7 -9.51 12.91 18.38
CA TYR D 7 -10.88 12.75 17.85
C TYR D 7 -11.93 13.48 18.68
N ASP D 8 -12.87 14.15 18.00
CA ASP D 8 -13.97 14.92 18.62
C ASP D 8 -14.95 14.02 19.33
N SER D 9 -14.98 12.76 18.91
CA SER D 9 -15.92 11.81 19.45
C SER D 9 -15.54 10.38 19.05
N LEU D 10 -16.19 9.42 19.71
CA LEU D 10 -15.82 8.02 19.58
C LEU D 10 -16.23 7.48 18.21
N LEU D 11 -17.22 8.11 17.60
CA LEU D 11 -17.63 7.69 16.27
C LEU D 11 -16.46 7.86 15.29
N GLN D 12 -15.56 8.78 15.60
CA GLN D 12 -14.40 9.08 14.76
C GLN D 12 -13.21 8.18 15.03
N ALA D 13 -13.13 7.62 16.25
CA ALA D 13 -12.07 6.69 16.64
C ALA D 13 -12.35 5.25 16.11
N LEU D 14 -12.26 5.15 14.79
CA LEU D 14 -12.81 4.02 14.03
C LEU D 14 -11.90 3.77 12.84
N GLY D 15 -11.68 2.50 12.53
CA GLY D 15 -10.87 2.15 11.38
C GLY D 15 -9.40 2.23 11.65
N ASN D 16 -8.63 2.36 10.57
CA ASN D 16 -7.16 2.28 10.60
C ASN D 16 -6.64 1.19 11.50
N THR D 17 -7.31 0.06 11.40
CA THR D 17 -7.07 -1.04 12.32
C THR D 17 -5.80 -1.77 11.89
N PRO D 18 -5.04 -2.27 12.85
CA PRO D 18 -3.74 -2.79 12.53
C PRO D 18 -3.74 -4.14 11.83
N LEU D 19 -2.60 -4.44 11.21
CA LEU D 19 -2.37 -5.67 10.48
C LEU D 19 -1.16 -6.40 11.09
N VAL D 20 -1.34 -7.65 11.46
CA VAL D 20 -0.35 -8.39 12.23
C VAL D 20 -0.01 -9.69 11.53
N GLY D 21 1.24 -9.76 11.03
CA GLY D 21 1.80 -10.96 10.43
C GLY D 21 1.80 -12.08 11.45
N LEU D 22 1.40 -13.26 11.04
CA LEU D 22 1.31 -14.41 11.93
C LEU D 22 2.47 -15.37 11.65
N GLN D 23 3.61 -15.10 12.30
CA GLN D 23 4.86 -15.79 12.01
C GLN D 23 4.85 -17.24 12.42
N ARG D 24 4.11 -17.56 13.46
CA ARG D 24 4.06 -18.91 13.99
C ARG D 24 3.03 -19.76 13.26
N LEU D 25 2.05 -19.11 12.67
CA LEU D 25 0.87 -19.81 12.16
C LEU D 25 0.87 -19.90 10.64
N SER D 26 1.55 -18.97 9.97
CA SER D 26 1.80 -19.07 8.55
C SER D 26 2.53 -20.37 8.24
N PRO D 27 2.10 -21.10 7.22
CA PRO D 27 2.82 -22.30 6.76
C PRO D 27 4.33 -22.10 6.49
N ARG D 28 4.71 -20.92 6.01
CA ARG D 28 6.11 -20.56 5.83
C ARG D 28 6.25 -19.03 5.79
N TRP D 29 6.48 -18.43 6.96
CA TRP D 29 6.71 -16.99 7.06
C TRP D 29 7.98 -16.50 6.33
N ASP D 30 9.06 -17.25 6.52
CA ASP D 30 10.36 -16.84 6.04
C ASP D 30 10.59 -17.26 4.60
N ASP D 31 11.27 -16.38 3.88
CA ASP D 31 11.87 -16.74 2.62
C ASP D 31 13.19 -17.49 2.88
N GLY D 32 13.51 -18.42 1.98
CA GLY D 32 14.73 -19.21 2.09
C GLY D 32 14.83 -20.19 0.93
N ARG D 33 15.73 -21.16 1.06
CA ARG D 33 16.06 -22.08 -0.03
C ARG D 33 15.01 -23.13 -0.30
N ASP D 34 14.01 -23.23 0.56
CA ASP D 34 13.00 -24.29 0.49
C ASP D 34 11.80 -23.95 -0.40
N GLY D 35 11.72 -22.69 -0.85
CA GLY D 35 10.67 -22.24 -1.78
C GLY D 35 10.13 -20.88 -1.36
N PRO D 36 9.15 -20.35 -2.12
CA PRO D 36 8.51 -19.06 -1.76
C PRO D 36 7.78 -19.06 -0.40
N HIS D 37 7.57 -17.88 0.17
CA HIS D 37 6.89 -17.77 1.47
C HIS D 37 5.37 -17.89 1.34
N VAL D 38 4.71 -18.41 2.38
CA VAL D 38 3.25 -18.37 2.48
C VAL D 38 2.88 -17.75 3.85
N ARG D 39 2.43 -16.50 3.82
CA ARG D 39 2.26 -15.69 5.02
C ARG D 39 0.79 -15.41 5.27
N LEU D 40 0.45 -15.22 6.55
CA LEU D 40 -0.91 -14.84 6.98
C LEU D 40 -0.86 -13.52 7.74
N TRP D 41 -1.72 -12.59 7.37
CA TRP D 41 -1.78 -11.29 8.01
C TRP D 41 -3.17 -11.05 8.57
N ALA D 42 -3.24 -10.68 9.84
CA ALA D 42 -4.49 -10.53 10.54
C ALA D 42 -4.84 -9.06 10.64
N LYS D 43 -6.03 -8.69 10.18
CA LYS D 43 -6.48 -7.33 10.33
C LYS D 43 -7.45 -7.26 11.51
N LEU D 44 -6.98 -6.62 12.58
CA LEU D 44 -7.65 -6.68 13.86
C LEU D 44 -8.83 -5.66 13.96
N GLU D 45 -10.00 -6.07 13.49
CA GLU D 45 -11.17 -5.19 13.45
C GLU D 45 -11.87 -5.04 14.79
N ASP D 46 -11.43 -5.80 15.80
CA ASP D 46 -11.89 -5.56 17.19
C ASP D 46 -11.36 -4.24 17.77
N ARG D 47 -10.33 -3.68 17.16
CA ARG D 47 -9.84 -2.36 17.51
C ARG D 47 -10.74 -1.24 16.92
N ASN D 48 -11.95 -1.13 17.47
CA ASN D 48 -12.99 -0.26 16.93
C ASN D 48 -13.93 0.08 18.08
N PRO D 49 -14.66 1.20 17.99
CA PRO D 49 -15.48 1.74 19.08
C PRO D 49 -16.22 0.76 19.96
N THR D 50 -16.81 -0.29 19.39
CA THR D 50 -17.49 -1.31 20.20
C THR D 50 -16.90 -2.72 20.03
N GLY D 51 -15.73 -2.81 19.44
CA GLY D 51 -15.02 -4.09 19.39
C GLY D 51 -15.38 -5.04 18.26
N SER D 52 -16.01 -4.51 17.21
CA SER D 52 -16.32 -5.30 16.06
C SER D 52 -16.27 -4.44 14.80
N ILE D 53 -16.06 -5.13 13.68
CA ILE D 53 -15.99 -4.51 12.36
C ILE D 53 -17.28 -3.76 11.96
N LYS D 54 -18.40 -4.08 12.60
CA LYS D 54 -19.67 -3.47 12.19
C LYS D 54 -19.71 -2.00 12.52
N ASP D 55 -18.73 -1.51 13.28
CA ASP D 55 -18.64 -0.07 13.51
C ASP D 55 -18.43 0.71 12.21
N ARG D 56 -17.70 0.12 11.26
CA ARG D 56 -17.50 0.75 9.96
C ARG D 56 -18.81 0.98 9.22
N PRO D 57 -19.56 -0.10 8.85
CA PRO D 57 -20.82 0.09 8.09
C PRO D 57 -21.92 0.77 8.90
N ALA D 58 -21.99 0.44 10.19
CA ALA D 58 -23.02 1.00 11.07
C ALA D 58 -22.91 2.51 11.22
N VAL D 59 -21.72 3.00 11.51
CA VAL D 59 -21.57 4.46 11.60
C VAL D 59 -21.85 5.11 10.24
N ARG D 60 -21.37 4.48 9.19
CA ARG D 60 -21.56 5.04 7.88
C ARG D 60 -23.05 5.04 7.52
N MET D 61 -23.77 3.96 7.84
CA MET D 61 -25.19 3.83 7.49
C MET D 61 -26.02 4.92 8.13
N ILE D 62 -25.83 5.09 9.43
CA ILE D 62 -26.49 6.13 10.22
C ILE D 62 -26.22 7.51 9.61
N GLU D 63 -24.94 7.85 9.52
CA GLU D 63 -24.54 9.17 9.07
C GLU D 63 -25.09 9.47 7.69
N GLN D 64 -25.01 8.50 6.77
CA GLN D 64 -25.58 8.65 5.41
C GLN D 64 -27.09 8.94 5.42
N ALA D 65 -27.84 8.18 6.22
CA ALA D 65 -29.28 8.41 6.34
C ALA D 65 -29.56 9.81 6.91
N GLU D 66 -28.75 10.23 7.89
CA GLU D 66 -28.82 11.61 8.41
C GLU D 66 -28.58 12.63 7.30
N ALA D 67 -27.62 12.37 6.43
CA ALA D 67 -27.33 13.25 5.29
C ALA D 67 -28.42 13.24 4.20
N ASP D 68 -29.33 12.26 4.26
CA ASP D 68 -30.44 12.15 3.32
C ASP D 68 -31.78 12.62 3.91
N GLY D 69 -31.74 13.19 5.11
CA GLY D 69 -32.98 13.58 5.80
C GLY D 69 -33.83 12.40 6.26
N LEU D 70 -33.35 11.17 6.05
CA LEU D 70 -34.09 9.98 6.48
C LEU D 70 -34.18 9.91 7.99
N LEU D 71 -33.12 10.35 8.66
CA LEU D 71 -33.01 10.22 10.09
C LEU D 71 -33.13 11.56 10.75
N ARG D 72 -33.94 11.59 11.79
CA ARG D 72 -34.20 12.79 12.55
C ARG D 72 -33.90 12.40 13.98
N PRO D 73 -33.16 13.23 14.76
CA PRO D 73 -33.06 12.86 16.17
C PRO D 73 -34.42 12.74 16.78
N GLY D 74 -34.56 11.78 17.70
CA GLY D 74 -35.85 11.40 18.24
C GLY D 74 -36.34 10.10 17.66
N ALA D 75 -36.12 9.92 16.36
CA ALA D 75 -36.56 8.71 15.59
C ALA D 75 -36.17 7.34 16.18
N THR D 76 -37.09 6.39 16.13
CA THR D 76 -36.80 4.98 16.44
C THR D 76 -36.04 4.33 15.27
N ILE D 77 -35.04 3.52 15.60
CA ILE D 77 -34.28 2.75 14.59
C ILE D 77 -34.59 1.25 14.78
N LEU D 78 -34.77 0.54 13.66
CA LEU D 78 -35.12 -0.87 13.67
C LEU D 78 -34.11 -1.59 12.85
N GLU D 79 -33.63 -2.73 13.32
CA GLU D 79 -32.55 -3.43 12.62
C GLU D 79 -32.52 -4.89 13.00
N PRO D 80 -32.61 -5.77 12.01
CA PRO D 80 -32.36 -7.15 12.34
C PRO D 80 -30.86 -7.35 12.46
N THR D 81 -30.44 -8.10 13.48
CA THR D 81 -29.03 -8.30 13.73
C THR D 81 -28.79 -9.49 14.67
N SER D 82 -27.60 -10.07 14.57
CA SER D 82 -27.19 -11.15 15.46
C SER D 82 -26.39 -10.61 16.67
N GLY D 83 -26.18 -9.29 16.71
CA GLY D 83 -25.57 -8.64 17.86
C GLY D 83 -24.56 -7.57 17.52
N ASN D 84 -23.61 -7.88 16.65
CA ASN D 84 -22.52 -6.93 16.36
C ASN D 84 -22.95 -5.59 15.80
N THR D 85 -23.79 -5.63 14.78
CA THR D 85 -24.36 -4.41 14.22
C THR D 85 -25.20 -3.72 15.28
N GLY D 86 -25.92 -4.55 16.05
CA GLY D 86 -26.80 -4.05 17.10
C GLY D 86 -26.10 -3.09 18.01
N ILE D 87 -24.95 -3.56 18.51
CA ILE D 87 -24.16 -2.84 19.50
C ILE D 87 -23.53 -1.56 18.93
N SER D 88 -23.10 -1.59 17.68
CA SER D 88 -22.55 -0.40 17.07
C SER D 88 -23.64 0.64 16.97
N LEU D 89 -24.78 0.22 16.43
CA LEU D 89 -25.94 1.10 16.32
C LEU D 89 -26.39 1.62 17.69
N ALA D 90 -26.34 0.76 18.71
CA ALA D 90 -26.76 1.16 20.04
C ALA D 90 -25.84 2.27 20.57
N MET D 91 -24.55 2.11 20.30
CA MET D 91 -23.53 3.06 20.70
C MET D 91 -23.78 4.39 20.02
N ALA D 92 -23.88 4.35 18.72
CA ALA D 92 -24.19 5.53 17.93
C ALA D 92 -25.53 6.16 18.30
N ALA D 93 -26.50 5.32 18.63
CA ALA D 93 -27.85 5.79 18.97
C ALA D 93 -27.84 6.65 20.19
N ARG D 94 -27.09 6.24 21.20
CA ARG D 94 -26.97 7.03 22.43
C ARG D 94 -26.39 8.41 22.13
N LEU D 95 -25.35 8.43 21.30
CA LEU D 95 -24.64 9.65 20.97
C LEU D 95 -25.47 10.62 20.17
N LYS D 96 -26.37 10.11 19.30
CA LYS D 96 -27.08 10.96 18.33
C LYS D 96 -28.56 11.28 18.61
N GLY D 97 -29.18 10.53 19.50
CA GLY D 97 -30.53 10.83 19.96
C GLY D 97 -31.56 9.81 19.56
N TYR D 98 -31.14 8.60 19.19
CA TYR D 98 -32.05 7.60 18.61
C TYR D 98 -32.39 6.47 19.58
N ARG D 99 -33.65 6.03 19.49
CA ARG D 99 -34.14 4.88 20.23
C ARG D 99 -33.92 3.71 19.28
N LEU D 100 -33.52 2.56 19.79
CA LEU D 100 -33.15 1.43 18.94
C LEU D 100 -33.85 0.14 19.35
N ILE D 101 -34.46 -0.51 18.36
CA ILE D 101 -35.01 -1.85 18.54
C ILE D 101 -34.22 -2.81 17.66
N CYS D 102 -33.60 -3.81 18.28
CA CYS D 102 -32.94 -4.86 17.54
C CYS D 102 -33.83 -6.08 17.46
N VAL D 103 -33.87 -6.72 16.29
CA VAL D 103 -34.53 -8.01 16.11
C VAL D 103 -33.46 -9.09 15.95
N MET D 104 -33.52 -10.08 16.82
CA MET D 104 -32.36 -10.88 17.07
C MET D 104 -32.78 -12.31 17.33
N PRO D 105 -31.96 -13.26 16.91
CA PRO D 105 -32.22 -14.68 17.22
C PRO D 105 -32.06 -14.94 18.71
N GLU D 106 -32.84 -15.89 19.23
CA GLU D 106 -32.84 -16.08 20.66
C GLU D 106 -31.57 -16.74 21.18
N ASN D 107 -30.93 -17.61 20.40
CA ASN D 107 -29.76 -18.35 20.90
C ASN D 107 -28.53 -17.47 20.79
N THR D 108 -28.68 -16.21 21.16
CA THR D 108 -27.62 -15.23 21.06
C THR D 108 -27.11 -14.69 22.43
N SER D 109 -25.87 -15.10 22.75
CA SER D 109 -24.99 -14.58 23.82
C SER D 109 -25.62 -13.72 24.87
N VAL D 110 -25.39 -14.08 26.12
CA VAL D 110 -25.78 -13.21 27.23
C VAL D 110 -25.01 -11.90 27.18
N GLU D 111 -23.84 -11.93 26.56
CA GLU D 111 -23.02 -10.74 26.50
C GLU D 111 -23.58 -9.68 25.56
N ARG D 112 -24.21 -10.08 24.45
CA ARG D 112 -24.86 -9.11 23.57
C ARG D 112 -26.07 -8.51 24.23
N ARG D 113 -26.96 -9.36 24.72
CA ARG D 113 -28.13 -8.93 25.51
C ARG D 113 -27.73 -7.87 26.57
N GLN D 114 -26.64 -8.12 27.27
CA GLN D 114 -26.18 -7.22 28.30
C GLN D 114 -25.72 -5.89 27.72
N LEU D 115 -24.80 -5.94 26.76
CA LEU D 115 -24.28 -4.71 26.19
C LEU D 115 -25.38 -3.93 25.46
N LEU D 116 -26.30 -4.63 24.79
CA LEU D 116 -27.45 -3.98 24.12
C LEU D 116 -28.36 -3.27 25.13
N GLU D 117 -28.77 -4.01 26.16
CA GLU D 117 -29.59 -3.44 27.19
C GLU D 117 -28.88 -2.31 27.91
N LEU D 118 -27.60 -2.50 28.22
CA LEU D 118 -26.76 -1.43 28.79
C LEU D 118 -26.72 -0.15 27.90
N TYR D 119 -26.70 -0.33 26.59
CA TYR D 119 -26.70 0.79 25.66
C TYR D 119 -28.09 1.43 25.50
N GLY D 120 -29.12 0.75 26.02
CA GLY D 120 -30.48 1.28 26.06
C GLY D 120 -31.38 0.75 24.98
N ALA D 121 -30.85 -0.14 24.15
CA ALA D 121 -31.59 -0.67 23.02
C ALA D 121 -32.62 -1.72 23.43
N GLN D 122 -33.80 -1.63 22.83
CA GLN D 122 -34.81 -2.69 22.91
C GLN D 122 -34.38 -3.91 22.10
N ILE D 123 -34.83 -5.08 22.55
CA ILE D 123 -34.58 -6.30 21.84
C ILE D 123 -35.88 -7.05 21.65
N ILE D 124 -36.11 -7.52 20.41
CA ILE D 124 -37.15 -8.50 20.12
C ILE D 124 -36.45 -9.81 19.73
N PHE D 125 -36.59 -10.84 20.55
CA PHE D 125 -35.93 -12.13 20.28
C PHE D 125 -36.79 -13.00 19.37
N SER D 126 -36.23 -13.42 18.25
CA SER D 126 -36.92 -14.31 17.33
C SER D 126 -36.55 -15.75 17.64
N ALA D 127 -37.55 -16.63 17.68
CA ALA D 127 -37.35 -18.03 18.04
C ALA D 127 -36.76 -18.86 16.91
N ALA D 128 -36.48 -20.12 17.23
CA ALA D 128 -35.83 -21.06 16.33
C ALA D 128 -36.89 -21.94 15.68
N ASN D 133 -41.36 -17.26 10.79
CA ASN D 133 -40.74 -16.05 10.29
C ASN D 133 -39.40 -15.78 11.00
N THR D 134 -38.32 -15.77 10.24
CA THR D 134 -37.00 -15.53 10.79
C THR D 134 -36.87 -14.06 11.19
N ALA D 135 -35.73 -13.70 11.79
CA ALA D 135 -35.46 -12.35 12.25
C ALA D 135 -35.54 -11.32 11.15
N VAL D 136 -34.98 -11.64 10.00
CA VAL D 136 -34.98 -10.69 8.88
C VAL D 136 -36.38 -10.48 8.29
N ALA D 137 -37.10 -11.56 8.06
CA ALA D 137 -38.48 -11.47 7.59
C ALA D 137 -39.26 -10.46 8.44
N THR D 138 -39.21 -10.70 9.75
CA THR D 138 -39.97 -9.96 10.73
C THR D 138 -39.62 -8.47 10.81
N ALA D 139 -38.33 -8.15 10.72
CA ALA D 139 -37.89 -6.74 10.62
C ALA D 139 -38.51 -6.04 9.42
N LYS D 140 -38.53 -6.74 8.29
CA LYS D 140 -39.13 -6.23 7.07
C LYS D 140 -40.63 -6.00 7.21
N GLU D 141 -41.33 -7.00 7.74
CA GLU D 141 -42.73 -6.84 8.12
C GLU D 141 -42.93 -5.64 9.07
N LEU D 142 -42.02 -5.52 10.02
CA LEU D 142 -42.13 -4.50 11.03
C LEU D 142 -41.84 -3.12 10.51
N ALA D 143 -40.95 -2.99 9.52
CA ALA D 143 -40.65 -1.68 8.93
C ALA D 143 -41.80 -1.24 8.06
N ALA D 144 -42.48 -2.18 7.43
CA ALA D 144 -43.67 -1.84 6.60
C ALA D 144 -44.84 -1.41 7.45
N THR D 145 -45.01 -2.09 8.59
CA THR D 145 -46.10 -1.82 9.50
C THR D 145 -45.90 -0.54 10.27
N ASN D 146 -44.66 -0.12 10.41
CA ASN D 146 -44.34 1.00 11.25
C ASN D 146 -43.55 2.03 10.44
N PRO D 147 -44.27 2.73 9.56
CA PRO D 147 -43.66 3.65 8.58
C PRO D 147 -42.64 4.65 9.17
N SER D 148 -42.87 5.12 10.40
CA SER D 148 -42.01 6.15 11.02
C SER D 148 -40.67 5.61 11.62
N TRP D 149 -40.59 4.30 11.86
CA TRP D 149 -39.34 3.64 12.24
C TRP D 149 -38.41 3.63 11.04
N VAL D 150 -37.12 3.77 11.27
CA VAL D 150 -36.17 3.63 10.18
C VAL D 150 -35.45 2.29 10.27
N MET D 151 -35.47 1.52 9.20
CA MET D 151 -34.63 0.37 9.10
C MET D 151 -33.50 0.78 8.19
N LEU D 152 -32.32 1.00 8.76
CA LEU D 152 -31.14 1.25 7.94
C LEU D 152 -30.79 0.00 7.09
N TYR D 153 -31.07 -1.17 7.63
CA TYR D 153 -31.04 -2.41 6.85
C TYR D 153 -29.66 -2.74 6.25
N GLN D 154 -28.76 -3.16 7.14
CA GLN D 154 -27.40 -3.52 6.81
C GLN D 154 -27.27 -4.51 5.65
N TYR D 155 -28.26 -5.38 5.46
CA TYR D 155 -28.14 -6.45 4.48
C TYR D 155 -28.39 -5.96 3.04
N GLY D 156 -28.88 -4.72 2.89
CA GLY D 156 -29.10 -4.15 1.57
C GLY D 156 -28.65 -2.73 1.41
N ASN D 157 -27.96 -2.19 2.39
CA ASN D 157 -27.63 -0.76 2.37
C ASN D 157 -26.23 -0.53 1.76
N PRO D 158 -26.16 0.18 0.62
CA PRO D 158 -24.87 0.36 -0.03
C PRO D 158 -23.80 1.01 0.86
N ALA D 159 -24.23 1.79 1.86
CA ALA D 159 -23.28 2.35 2.84
C ALA D 159 -22.49 1.28 3.61
N ASN D 160 -23.07 0.08 3.77
CA ASN D 160 -22.35 -1.05 4.35
C ASN D 160 -21.12 -1.32 3.50
N THR D 161 -21.38 -1.62 2.22
CA THR D 161 -20.32 -2.03 1.29
C THR D 161 -19.34 -0.91 0.98
N ASP D 162 -19.82 0.33 1.04
CA ASP D 162 -18.97 1.48 0.84
C ASP D 162 -17.98 1.62 2.01
N SER D 163 -18.41 1.28 3.21
CA SER D 163 -17.57 1.42 4.40
C SER D 163 -16.33 0.54 4.29
N HIS D 164 -16.42 -0.55 3.53
CA HIS D 164 -15.30 -1.45 3.29
C HIS D 164 -14.49 -1.02 2.06
N TYR D 165 -15.20 -0.62 1.01
CA TYR D 165 -14.57 -0.04 -0.17
C TYR D 165 -13.73 1.22 0.16
N CYS D 166 -14.23 2.05 1.04
CA CYS D 166 -13.54 3.30 1.41
C CYS D 166 -12.56 3.14 2.57
N GLY D 167 -12.78 2.15 3.43
CA GLY D 167 -11.93 1.96 4.59
C GLY D 167 -11.14 0.68 4.51
N THR D 168 -11.81 -0.44 4.81
CA THR D 168 -11.12 -1.72 4.96
C THR D 168 -10.15 -2.02 3.81
N GLY D 169 -10.64 -1.84 2.58
CA GLY D 169 -9.85 -2.03 1.39
C GLY D 169 -8.64 -1.12 1.36
N PRO D 170 -8.84 0.20 1.22
CA PRO D 170 -7.71 1.12 1.11
C PRO D 170 -6.64 0.89 2.18
N GLU D 171 -7.06 0.85 3.43
CA GLU D 171 -6.18 0.46 4.53
C GLU D 171 -5.39 -0.80 4.23
N LEU D 172 -6.06 -1.84 3.76
CA LEU D 172 -5.42 -3.15 3.63
C LEU D 172 -4.42 -3.22 2.47
N LEU D 173 -4.61 -2.39 1.47
CA LEU D 173 -3.73 -2.37 0.33
C LEU D 173 -2.51 -1.51 0.61
N ALA D 174 -2.72 -0.41 1.36
CA ALA D 174 -1.63 0.43 1.83
C ALA D 174 -0.70 -0.38 2.73
N ASP D 175 -1.28 -1.13 3.64
CA ASP D 175 -0.50 -1.91 4.61
C ASP D 175 0.07 -3.19 3.99
N LEU D 176 -0.49 -3.63 2.87
CA LEU D 176 -0.09 -4.89 2.24
C LEU D 176 -0.13 -4.82 0.72
N PRO D 177 0.79 -4.05 0.12
CA PRO D 177 0.85 -3.92 -1.35
C PRO D 177 1.01 -5.23 -2.10
N GLU D 178 1.69 -6.19 -1.48
CA GLU D 178 1.93 -7.50 -2.06
C GLU D 178 0.80 -8.49 -1.79
N ILE D 179 -0.40 -8.01 -1.47
CA ILE D 179 -1.52 -8.90 -1.22
C ILE D 179 -1.76 -9.83 -2.42
N THR D 180 -2.07 -11.08 -2.11
CA THR D 180 -2.50 -12.05 -3.11
C THR D 180 -3.86 -12.64 -2.77
N HIS D 181 -4.23 -12.65 -1.50
CA HIS D 181 -5.55 -13.13 -1.09
C HIS D 181 -6.14 -12.25 -0.01
N PHE D 182 -7.45 -12.07 -0.06
CA PHE D 182 -8.21 -11.55 1.04
C PHE D 182 -9.19 -12.62 1.49
N VAL D 183 -9.26 -12.89 2.79
CA VAL D 183 -10.16 -13.94 3.31
C VAL D 183 -10.93 -13.39 4.47
N ALA D 184 -12.25 -13.43 4.41
CA ALA D 184 -13.09 -12.93 5.49
C ALA D 184 -14.36 -13.77 5.61
N GLY D 185 -15.17 -13.46 6.63
CA GLY D 185 -16.46 -14.09 6.79
C GLY D 185 -17.48 -13.56 5.79
N LEU D 186 -18.35 -14.43 5.33
CA LEU D 186 -19.41 -14.04 4.45
C LEU D 186 -20.70 -13.95 5.24
N GLY D 187 -21.16 -12.71 5.54
CA GLY D 187 -22.35 -12.52 6.39
C GLY D 187 -23.39 -11.68 5.73
N THR D 188 -23.40 -10.37 6.03
CA THR D 188 -24.13 -9.40 5.24
C THR D 188 -23.52 -9.27 3.85
N THR D 189 -22.23 -9.64 3.74
CA THR D 189 -21.38 -9.59 2.53
C THR D 189 -20.66 -8.26 2.32
N GLY D 190 -20.95 -7.27 3.14
CA GLY D 190 -20.35 -5.96 2.96
C GLY D 190 -18.85 -5.99 2.95
N THR D 191 -18.27 -6.80 3.81
CA THR D 191 -16.81 -6.89 3.93
C THR D 191 -16.21 -7.37 2.62
N LEU D 192 -16.57 -8.59 2.25
CA LEU D 192 -16.06 -9.18 1.02
C LEU D 192 -16.44 -8.41 -0.22
N MET D 193 -17.62 -7.80 -0.26
CA MET D 193 -18.05 -7.05 -1.46
C MET D 193 -17.33 -5.73 -1.64
N GLY D 194 -17.12 -5.00 -0.56
CA GLY D 194 -16.50 -3.67 -0.64
C GLY D 194 -15.00 -3.74 -0.74
N THR D 195 -14.42 -4.65 0.05
CA THR D 195 -12.99 -4.90 0.01
C THR D 195 -12.62 -5.61 -1.31
N GLY D 196 -13.41 -6.62 -1.68
CA GLY D 196 -13.19 -7.41 -2.88
C GLY D 196 -13.16 -6.55 -4.13
N ARG D 197 -14.19 -5.74 -4.31
CA ARG D 197 -14.21 -4.82 -5.42
C ARG D 197 -12.99 -3.91 -5.37
N PHE D 198 -12.66 -3.36 -4.22
CA PHE D 198 -11.54 -2.41 -4.16
C PHE D 198 -10.22 -3.06 -4.49
N LEU D 199 -9.95 -4.21 -3.87
CA LEU D 199 -8.72 -4.94 -4.16
C LEU D 199 -8.67 -5.35 -5.66
N ARG D 200 -9.74 -5.98 -6.14
CA ARG D 200 -9.84 -6.40 -7.56
C ARG D 200 -9.62 -5.27 -8.57
N GLU D 201 -10.09 -4.07 -8.23
CA GLU D 201 -9.84 -2.88 -9.04
C GLU D 201 -8.39 -2.38 -8.99
N HIS D 202 -7.59 -2.90 -8.06
CA HIS D 202 -6.19 -2.46 -7.88
C HIS D 202 -5.12 -3.58 -7.89
N VAL D 203 -5.52 -4.83 -7.81
CA VAL D 203 -4.57 -5.91 -7.64
C VAL D 203 -4.88 -7.03 -8.58
N ALA D 204 -3.97 -7.21 -9.54
CA ALA D 204 -4.13 -8.09 -10.71
C ALA D 204 -4.79 -9.46 -10.50
N ASN D 205 -4.15 -10.35 -9.77
CA ASN D 205 -4.66 -11.71 -9.69
C ASN D 205 -5.26 -12.05 -8.33
N VAL D 206 -5.84 -11.04 -7.68
CA VAL D 206 -6.18 -11.09 -6.27
C VAL D 206 -7.38 -11.98 -6.05
N LYS D 207 -7.29 -12.85 -5.07
CA LYS D 207 -8.32 -13.84 -4.78
C LYS D 207 -9.13 -13.39 -3.56
N ILE D 208 -10.42 -13.16 -3.76
CA ILE D 208 -11.35 -12.78 -2.70
C ILE D 208 -12.06 -14.05 -2.19
N VAL D 209 -11.70 -14.48 -0.99
CA VAL D 209 -12.13 -15.78 -0.50
C VAL D 209 -13.15 -15.64 0.64
N ALA D 210 -14.26 -16.36 0.53
CA ALA D 210 -15.33 -16.29 1.54
C ALA D 210 -15.25 -17.47 2.47
N ALA D 211 -15.53 -17.23 3.75
CA ALA D 211 -15.74 -18.30 4.71
C ALA D 211 -17.14 -18.22 5.25
N GLU D 212 -17.77 -19.38 5.46
CA GLU D 212 -19.11 -19.42 5.98
C GLU D 212 -19.33 -20.76 6.68
N PRO D 213 -20.39 -20.89 7.49
CA PRO D 213 -20.61 -22.14 8.22
C PRO D 213 -21.20 -23.25 7.34
N ARG D 214 -20.92 -24.50 7.72
CA ARG D 214 -21.27 -25.63 6.88
C ARG D 214 -22.76 -25.89 6.85
N TYR D 220 -25.58 -28.50 17.10
CA TYR D 220 -24.13 -28.36 16.90
C TYR D 220 -23.71 -27.38 15.80
N ALA D 221 -24.65 -26.65 15.22
CA ALA D 221 -24.33 -25.76 14.11
C ALA D 221 -23.63 -24.46 14.55
N LEU D 222 -22.67 -24.02 13.73
CA LEU D 222 -22.18 -22.64 13.79
C LEU D 222 -23.15 -21.81 12.95
N ARG D 223 -23.66 -20.71 13.52
CA ARG D 223 -24.70 -19.94 12.84
C ARG D 223 -24.28 -18.48 12.62
N ASN D 224 -24.59 -17.93 11.45
CA ASN D 224 -24.41 -16.50 11.21
C ASN D 224 -25.53 -15.76 10.46
N MET D 225 -26.49 -16.50 9.93
CA MET D 225 -27.54 -15.95 9.04
C MET D 225 -28.81 -16.77 9.21
N ASP D 226 -29.96 -16.14 8.95
CA ASP D 226 -31.23 -16.87 8.89
C ASP D 226 -31.22 -17.82 7.68
N GLU D 227 -31.99 -18.89 7.75
CA GLU D 227 -32.04 -19.84 6.65
C GLU D 227 -32.77 -19.29 5.42
N GLY D 228 -32.13 -19.39 4.25
CA GLY D 228 -32.73 -19.02 2.96
C GLY D 228 -32.52 -17.55 2.58
N PHE D 229 -32.06 -16.76 3.52
CA PHE D 229 -31.93 -15.35 3.31
C PHE D 229 -30.63 -15.03 2.58
N VAL D 230 -30.74 -14.48 1.38
CA VAL D 230 -29.59 -13.93 0.64
C VAL D 230 -29.61 -12.41 0.71
N PRO D 231 -28.59 -11.82 1.38
CA PRO D 231 -28.48 -10.36 1.45
C PRO D 231 -28.51 -9.73 0.07
N GLU D 232 -29.21 -8.61 -0.03
CA GLU D 232 -29.32 -7.86 -1.29
C GLU D 232 -27.94 -7.32 -1.75
N LEU D 233 -27.08 -6.92 -0.82
CA LEU D 233 -25.75 -6.46 -1.18
C LEU D 233 -24.92 -7.53 -1.94
N TYR D 234 -25.25 -8.80 -1.73
CA TYR D 234 -24.42 -9.93 -2.20
C TYR D 234 -24.28 -9.95 -3.72
N ASP D 235 -23.04 -10.05 -4.21
CA ASP D 235 -22.74 -10.11 -5.65
C ASP D 235 -21.78 -11.27 -5.88
N PRO D 236 -22.30 -12.44 -6.31
CA PRO D 236 -21.42 -13.60 -6.58
C PRO D 236 -20.27 -13.31 -7.54
N GLU D 237 -20.39 -12.31 -8.42
CA GLU D 237 -19.26 -11.85 -9.27
C GLU D 237 -17.98 -11.77 -8.49
N ILE D 238 -18.03 -11.13 -7.32
CA ILE D 238 -16.82 -10.65 -6.63
C ILE D 238 -16.05 -11.80 -5.94
N LEU D 239 -16.75 -12.88 -5.58
CA LEU D 239 -16.10 -14.03 -4.93
C LEU D 239 -15.24 -14.87 -5.86
N THR D 240 -13.99 -15.04 -5.48
CA THR D 240 -13.09 -15.98 -6.11
C THR D 240 -13.40 -17.40 -5.63
N ALA D 241 -13.38 -17.60 -4.32
CA ALA D 241 -13.64 -18.91 -3.74
C ALA D 241 -14.60 -18.78 -2.58
N ARG D 242 -15.11 -19.92 -2.11
CA ARG D 242 -16.06 -19.91 -1.00
C ARG D 242 -15.94 -21.20 -0.23
N TYR D 243 -15.47 -21.12 1.01
CA TYR D 243 -15.29 -22.31 1.83
C TYR D 243 -16.29 -22.35 2.97
N SER D 244 -16.78 -23.56 3.25
CA SER D 244 -17.63 -23.85 4.39
C SER D 244 -16.79 -24.50 5.47
N VAL D 245 -16.93 -24.01 6.70
CA VAL D 245 -16.12 -24.43 7.83
C VAL D 245 -17.02 -25.07 8.88
N GLY D 246 -16.67 -26.28 9.29
CA GLY D 246 -17.42 -26.99 10.30
C GLY D 246 -17.28 -26.31 11.63
N ALA D 247 -18.24 -26.57 12.52
CA ALA D 247 -18.32 -25.84 13.79
C ALA D 247 -17.14 -26.19 14.70
N VAL D 248 -16.77 -27.47 14.70
CA VAL D 248 -15.64 -27.97 15.48
C VAL D 248 -14.35 -27.40 14.91
N ASP D 249 -14.26 -27.23 13.59
CA ASP D 249 -13.08 -26.61 12.99
C ASP D 249 -12.96 -25.15 13.39
N ALA D 250 -14.06 -24.41 13.35
CA ALA D 250 -14.06 -22.99 13.68
C ALA D 250 -13.59 -22.73 15.10
N VAL D 251 -14.07 -23.55 16.01
CA VAL D 251 -13.72 -23.43 17.42
C VAL D 251 -12.24 -23.78 17.66
N ARG D 252 -11.80 -24.93 17.13
CA ARG D 252 -10.43 -25.36 17.39
C ARG D 252 -9.41 -24.35 16.80
N ARG D 253 -9.78 -23.69 15.69
CA ARG D 253 -8.94 -22.66 15.08
C ARG D 253 -8.87 -21.33 15.84
N THR D 254 -9.96 -20.91 16.49
CA THR D 254 -9.94 -19.68 17.29
C THR D 254 -9.03 -19.87 18.50
N ARG D 255 -9.12 -21.07 19.11
CA ARG D 255 -8.33 -21.49 20.26
C ARG D 255 -6.87 -21.64 19.88
N GLU D 256 -6.60 -22.00 18.63
CA GLU D 256 -5.23 -22.15 18.17
C GLU D 256 -4.56 -20.81 17.91
N LEU D 257 -5.31 -19.88 17.35
CA LEU D 257 -4.85 -18.55 17.09
C LEU D 257 -4.45 -17.81 18.40
N VAL D 258 -5.22 -18.00 19.48
CA VAL D 258 -4.82 -17.43 20.76
C VAL D 258 -3.52 -18.09 21.15
N HIS D 259 -3.56 -19.42 21.26
CA HIS D 259 -2.44 -20.25 21.70
C HIS D 259 -1.14 -19.95 21.02
N THR D 260 -1.15 -19.62 19.73
CA THR D 260 0.07 -19.46 18.95
C THR D 260 0.51 -18.00 18.67
N GLU D 261 -0.45 -17.11 18.43
CA GLU D 261 -0.18 -15.69 18.09
C GLU D 261 -0.71 -14.69 19.12
N GLY D 262 -1.52 -15.16 20.06
CA GLY D 262 -1.98 -14.35 21.19
C GLY D 262 -3.26 -13.60 20.96
N ILE D 263 -3.84 -13.75 19.77
CA ILE D 263 -4.99 -12.94 19.36
C ILE D 263 -6.26 -13.60 19.89
N PHE D 264 -6.96 -12.85 20.73
CA PHE D 264 -8.18 -13.32 21.37
C PHE D 264 -9.35 -12.89 20.51
N ALA D 265 -9.65 -13.72 19.53
CA ALA D 265 -10.67 -13.46 18.53
C ALA D 265 -12.00 -14.11 18.87
N GLY D 266 -13.06 -13.60 18.25
CA GLY D 266 -14.36 -14.26 18.25
C GLY D 266 -14.29 -15.49 17.39
N ILE D 267 -15.43 -16.16 17.22
CA ILE D 267 -15.43 -17.47 16.51
C ILE D 267 -15.37 -17.38 14.99
N SER D 268 -15.86 -16.28 14.41
CA SER D 268 -15.83 -16.08 12.97
C SER D 268 -14.41 -16.11 12.49
N THR D 269 -13.52 -15.58 13.33
CA THR D 269 -12.12 -15.50 13.00
C THR D 269 -11.48 -16.88 12.93
N GLY D 270 -11.97 -17.81 13.73
CA GLY D 270 -11.50 -19.20 13.70
C GLY D 270 -11.79 -19.88 12.39
N ALA D 271 -13.00 -19.65 11.87
CA ALA D 271 -13.44 -20.21 10.57
C ALA D 271 -12.73 -19.55 9.40
N VAL D 272 -12.59 -18.22 9.48
CA VAL D 272 -11.77 -17.47 8.55
C VAL D 272 -10.37 -18.07 8.48
N LEU D 273 -9.73 -18.21 9.63
CA LEU D 273 -8.39 -18.79 9.73
C LEU D 273 -8.26 -20.18 9.02
N HIS D 274 -9.26 -21.03 9.24
CA HIS D 274 -9.31 -22.37 8.67
C HIS D 274 -9.23 -22.29 7.17
N ALA D 275 -10.05 -21.42 6.60
CA ALA D 275 -10.02 -21.17 5.17
C ALA D 275 -8.64 -20.66 4.74
N ALA D 276 -8.18 -19.58 5.38
CA ALA D 276 -6.83 -19.00 5.11
C ALA D 276 -5.77 -20.09 5.07
N LEU D 277 -5.86 -21.04 6.01
CA LEU D 277 -4.85 -22.11 6.10
C LEU D 277 -5.02 -23.16 4.99
N GLY D 278 -6.24 -23.42 4.53
CA GLY D 278 -6.46 -24.28 3.36
C GLY D 278 -5.91 -23.66 2.09
N VAL D 279 -6.17 -22.37 1.92
CA VAL D 279 -5.58 -21.60 0.81
C VAL D 279 -4.05 -21.61 0.93
N GLY D 280 -3.55 -21.46 2.14
CA GLY D 280 -2.12 -21.39 2.37
C GLY D 280 -1.45 -22.71 2.05
N ALA D 281 -2.12 -23.80 2.43
CA ALA D 281 -1.59 -25.13 2.18
C ALA D 281 -1.46 -25.40 0.67
N GLY D 282 -2.48 -24.98 -0.09
CA GLY D 282 -2.46 -25.07 -1.54
C GLY D 282 -1.29 -24.34 -2.15
N ALA D 283 -1.05 -23.11 -1.69
CA ALA D 283 0.05 -22.30 -2.20
C ALA D 283 1.38 -22.94 -1.89
N LEU D 284 1.55 -23.46 -0.67
CA LEU D 284 2.80 -24.10 -0.27
C LEU D 284 3.10 -25.34 -1.13
N ALA D 285 2.05 -26.13 -1.36
CA ALA D 285 2.14 -27.32 -2.19
C ALA D 285 2.44 -26.99 -3.63
N ALA D 286 1.88 -25.90 -4.13
CA ALA D 286 2.02 -25.49 -5.53
C ALA D 286 3.32 -24.73 -5.80
N GLY D 287 4.21 -24.62 -4.83
CA GLY D 287 5.43 -23.87 -5.00
C GLY D 287 5.11 -22.41 -5.27
N GLU D 288 4.05 -21.93 -4.61
CA GLU D 288 3.54 -20.60 -4.87
C GLU D 288 3.67 -19.65 -3.67
N ARG D 289 4.11 -18.44 -3.94
CA ARG D 289 4.22 -17.41 -2.92
C ARG D 289 2.82 -16.85 -2.66
N ALA D 290 2.53 -16.49 -1.41
CA ALA D 290 1.21 -16.02 -1.05
C ALA D 290 1.25 -15.10 0.17
N ASP D 291 0.40 -14.06 0.16
CA ASP D 291 0.34 -13.12 1.26
C ASP D 291 -1.10 -12.94 1.56
N ILE D 292 -1.59 -13.78 2.45
CA ILE D 292 -3.02 -13.91 2.71
C ILE D 292 -3.41 -13.00 3.86
N ALA D 293 -4.18 -11.94 3.59
CA ALA D 293 -4.75 -11.12 4.65
C ALA D 293 -6.11 -11.70 5.06
N LEU D 294 -6.35 -11.73 6.36
CA LEU D 294 -7.60 -12.24 6.86
C LEU D 294 -8.10 -11.29 7.94
N VAL D 295 -9.42 -11.30 8.15
CA VAL D 295 -10.07 -10.37 9.05
C VAL D 295 -10.40 -11.03 10.39
N VAL D 296 -10.02 -10.32 11.46
CA VAL D 296 -10.46 -10.64 12.82
C VAL D 296 -11.61 -9.67 13.14
N ALA D 297 -12.84 -10.10 12.91
CA ALA D 297 -13.99 -9.18 12.93
C ALA D 297 -14.41 -8.68 14.32
N ASP D 298 -14.31 -9.54 15.33
CA ASP D 298 -14.44 -9.16 16.73
C ASP D 298 -13.56 -10.03 17.64
N ALA D 299 -13.44 -9.62 18.92
CA ALA D 299 -12.62 -10.35 19.89
C ALA D 299 -13.45 -11.46 20.54
N GLY D 300 -12.84 -12.19 21.48
CA GLY D 300 -13.47 -13.34 22.13
C GLY D 300 -14.47 -13.02 23.24
N TRP D 301 -14.48 -11.77 23.69
CA TRP D 301 -15.23 -11.33 24.88
C TRP D 301 -16.66 -11.85 24.89
N LYS D 302 -17.33 -11.72 23.75
CA LYS D 302 -18.78 -11.93 23.71
C LYS D 302 -19.19 -13.39 23.71
N TYR D 303 -18.23 -14.29 23.58
CA TYR D 303 -18.53 -15.69 23.40
C TYR D 303 -17.95 -16.53 24.53
N LEU D 304 -17.55 -15.89 25.63
CA LEU D 304 -16.98 -16.60 26.77
C LEU D 304 -18.03 -17.49 27.44
N SER D 305 -19.26 -16.97 27.59
CA SER D 305 -20.39 -17.78 28.07
C SER D 305 -20.61 -19.12 27.36
N THR D 306 -19.99 -19.32 26.20
CA THR D 306 -20.23 -20.50 25.38
C THR D 306 -19.42 -21.74 25.78
N GLY D 307 -18.37 -21.55 26.56
CA GLY D 307 -17.47 -22.64 26.96
C GLY D 307 -16.34 -22.88 25.97
N ALA D 308 -16.37 -22.14 24.86
CA ALA D 308 -15.47 -22.33 23.75
C ALA D 308 -14.03 -21.98 24.12
N TYR D 309 -13.86 -21.06 25.06
CA TYR D 309 -12.54 -20.56 25.43
C TYR D 309 -12.06 -21.07 26.79
N ALA D 310 -12.73 -22.11 27.31
CA ALA D 310 -12.26 -22.80 28.53
C ALA D 310 -10.82 -23.30 28.38
N GLY D 311 -10.13 -23.45 29.51
CA GLY D 311 -8.72 -23.81 29.49
C GLY D 311 -8.56 -25.18 28.90
N SER D 312 -9.18 -26.17 29.53
CA SER D 312 -9.20 -27.52 29.02
C SER D 312 -10.53 -27.73 28.30
N LEU D 313 -10.49 -28.29 27.10
CA LEU D 313 -11.71 -28.52 26.32
C LEU D 313 -11.59 -29.85 25.58
N ASP D 315 -13.44 -31.88 23.94
CA ASP D 315 -14.74 -32.00 23.28
C ASP D 315 -15.35 -30.64 22.93
N ALA D 316 -15.03 -30.15 21.73
CA ALA D 316 -15.46 -28.83 21.25
C ALA D 316 -16.97 -28.72 21.06
N GLU D 317 -17.62 -29.87 20.90
CA GLU D 317 -19.07 -29.96 20.75
C GLU D 317 -19.81 -29.75 22.07
N THR D 318 -19.08 -29.57 23.16
CA THR D 318 -19.70 -29.27 24.42
C THR D 318 -20.11 -27.81 24.41
N ALA D 319 -19.27 -26.98 23.81
CA ALA D 319 -19.52 -25.56 23.74
C ALA D 319 -20.54 -25.26 22.67
N LEU D 320 -20.77 -26.24 21.82
CA LEU D 320 -21.58 -26.04 20.62
C LEU D 320 -23.04 -26.37 20.82
N GLU D 321 -23.32 -27.43 21.59
CA GLU D 321 -24.69 -27.95 21.79
C GLU D 321 -25.68 -26.81 22.06
N GLY D 322 -26.65 -26.64 21.16
CA GLY D 322 -27.62 -25.56 21.26
C GLY D 322 -27.41 -24.54 20.16
N GLN D 323 -26.28 -24.67 19.46
CA GLN D 323 -25.92 -23.82 18.34
C GLN D 323 -25.17 -22.55 18.79
N LEU D 324 -24.24 -22.09 17.96
CA LEU D 324 -23.41 -20.99 18.34
C LEU D 324 -23.47 -19.88 17.30
N TRP D 325 -24.01 -18.73 17.67
CA TRP D 325 -24.10 -17.62 16.75
C TRP D 325 -22.85 -16.75 16.84
N ALA D 326 -22.18 -16.58 15.72
CA ALA D 326 -20.87 -15.95 15.70
C ALA D 326 -20.80 -14.86 14.65
N1 PLP E . 19.48 9.84 -10.16
C2 PLP E . 18.84 10.63 -11.04
C2A PLP E . 19.10 10.43 -12.50
C3 PLP E . 17.90 11.65 -10.57
O3 PLP E . 17.24 12.43 -11.46
C4 PLP E . 17.70 11.77 -9.11
C4A PLP E . 16.76 12.78 -8.48
C5 PLP E . 18.47 10.85 -8.23
C6 PLP E . 19.34 9.94 -8.82
C5A PLP E . 18.36 10.86 -6.72
O4P PLP E . 17.03 10.74 -6.20
P PLP E . 16.59 11.72 -4.98
O1P PLP E . 15.18 11.29 -4.70
O2P PLP E . 16.76 13.15 -5.47
O3P PLP E . 17.57 11.44 -3.83
OAA S16 F . 16.73 16.65 -11.37
CAO S16 F . 17.26 17.24 -10.41
OAC S16 F . 17.18 18.47 -10.34
CAT S16 F . 18.02 16.58 -9.46
CAL S16 F . 18.85 15.53 -9.81
CAG S16 F . 17.98 17.01 -8.13
CAE S16 F . 18.76 16.37 -7.18
CAF S16 F . 19.57 15.32 -7.55
CAS S16 F . 19.63 14.88 -8.87
NAN S16 F . 20.43 13.87 -9.30
CAP S16 F . 21.22 13.08 -8.49
OAB S16 F . 21.25 13.12 -7.27
NAM S16 F . 21.95 12.19 -9.16
CAR S16 F . 22.80 11.38 -8.57
CAJ S16 F . 24.03 11.29 -9.20
CAH S16 F . 25.02 10.47 -8.69
CAQ S16 F . 24.78 9.74 -7.54
CL S16 F . 26.04 8.76 -6.94
CAI S16 F . 23.55 9.82 -6.90
CAK S16 F . 22.56 10.65 -7.41
N1 PLP G . 8.33 4.51 -36.90
C2 PLP G . 9.44 4.12 -36.24
C2A PLP G . 10.17 5.04 -35.31
C3 PLP G . 9.96 2.75 -36.42
O3 PLP G . 11.06 2.37 -35.75
C4 PLP G . 9.25 1.85 -37.34
C4A PLP G . 9.69 0.44 -37.58
C5 PLP G . 8.03 2.37 -38.01
C6 PLP G . 7.65 3.70 -37.74
C5A PLP G . 7.23 1.52 -38.99
O4P PLP G . 6.76 0.30 -38.41
P PLP G . 6.79 -1.05 -39.31
O1P PLP G . 6.03 -0.72 -40.61
O2P PLP G . 6.09 -2.12 -38.52
O3P PLP G . 8.27 -1.32 -39.55
OAA S16 H . 15.29 -0.98 -39.19
CAO S16 H . 14.39 -0.23 -38.75
OAC S16 H . 14.51 0.20 -37.57
CAT S16 H . 13.33 0.17 -39.60
CAL S16 H . 12.71 1.42 -39.42
CAG S16 H . 12.89 -0.64 -40.63
CAE S16 H . 11.86 -0.20 -41.46
CAF S16 H . 11.25 1.04 -41.29
CAS S16 H . 11.68 1.87 -40.25
NAN S16 H . 11.19 3.11 -39.99
CAP S16 H . 10.12 3.67 -40.61
OAB S16 H . 9.41 3.07 -41.40
NAM S16 H . 9.87 4.97 -40.22
CAR S16 H . 8.89 5.72 -40.73
CAJ S16 H . 9.20 7.07 -40.90
CAH S16 H . 8.26 7.95 -41.41
CAQ S16 H . 6.99 7.48 -41.75
CL S16 H . 5.79 8.53 -42.42
CAI S16 H . 6.66 6.12 -41.58
CAK S16 H . 7.61 5.25 -41.06
N1 PLP I . -7.23 0.50 36.22
C2 PLP I . -7.05 -0.71 35.64
C2A PLP I . -8.18 -1.37 34.90
C3 PLP I . -5.72 -1.36 35.71
O3 PLP I . -5.47 -2.55 35.13
C4 PLP I . -4.64 -0.64 36.45
C4A PLP I . -3.24 -1.20 36.59
C5 PLP I . -4.97 0.67 37.03
C6 PLP I . -6.27 1.17 36.89
C5A PLP I . -3.95 1.45 37.83
O4P PLP I . -2.79 1.78 37.05
P PLP I . -1.32 1.64 37.70
O1P PLP I . -1.39 2.51 38.95
O2P PLP I . -0.40 2.12 36.60
O3P PLP I . -1.10 0.17 38.02
OAA S16 J . -2.57 -6.91 38.55
CAO S16 J . -3.17 -5.93 38.10
OAC S16 J . -3.59 -5.98 36.92
CAT S16 J . -3.36 -4.79 38.89
CAL S16 J . -4.49 -3.97 38.74
CAG S16 J . -2.39 -4.44 39.85
CAE S16 J . -2.57 -3.32 40.65
CAF S16 J . -3.70 -2.52 40.49
CAS S16 J . -4.68 -2.83 39.54
NAN S16 J . -5.82 -2.14 39.33
CAP S16 J . -6.21 -1.00 40.00
OAB S16 J . -5.59 -0.41 40.87
NAM S16 J . -7.42 -0.55 39.62
CAR S16 J . -7.99 0.53 40.16
CAJ S16 J . -9.25 0.33 40.69
CAH S16 J . -9.95 1.40 41.26
CAQ S16 J . -9.38 2.66 41.27
CL S16 J . -10.29 3.95 41.98
CAI S16 J . -8.11 2.88 40.71
CAK S16 J . -7.41 1.82 40.15
N1 PLP K . -17.61 -11.92 11.52
C2 PLP K . -18.11 -11.12 12.46
C2A PLP K . -17.67 -11.25 13.88
C3 PLP K . -19.11 -10.11 12.07
O3 PLP K . -19.61 -9.28 13.03
C4 PLP K . -19.51 -10.06 10.64
C4A PLP K . -20.52 -9.07 10.11
C5 PLP K . -18.88 -11.00 9.69
C6 PLP K . -17.96 -11.90 10.22
C5A PLP K . -19.21 -11.04 8.20
O4P PLP K . -18.92 -9.79 7.52
P PLP K . -19.98 -9.01 6.55
O1P PLP K . -21.30 -8.85 7.27
O2P PLP K . -19.32 -7.66 6.33
O3P PLP K . -20.08 -9.93 5.34
OAA S16 L . -24.02 -8.36 13.55
CAO S16 L . -24.79 -8.79 12.66
OAC S16 L . -25.97 -8.35 12.65
CAT S16 L . -24.38 -9.78 11.75
CAL S16 L . -23.27 -10.60 12.02
CAG S16 L . -25.08 -9.96 10.56
CAE S16 L . -24.68 -10.95 9.67
CAF S16 L . -23.58 -11.77 9.93
CAS S16 L . -22.84 -11.57 11.11
NAN S16 L . -21.81 -12.34 11.48
CAP S16 L . -21.25 -13.30 10.68
OAB S16 L . -21.51 -13.44 9.49
NAM S16 L . -20.29 -14.03 11.30
CAR S16 L . -19.68 -15.05 10.71
CAJ S16 L . -19.64 -16.22 11.46
CAH S16 L . -19.05 -17.36 10.95
CAQ S16 L . -18.52 -17.32 9.66
CL S16 L . -17.82 -18.69 9.04
CAI S16 L . -18.58 -16.17 8.89
CAK S16 L . -19.17 -15.03 9.42
#